data_5V36
#
_entry.id   5V36
#
_cell.length_a   126.333
_cell.length_b   126.333
_cell.length_c   247.876
_cell.angle_alpha   90.00
_cell.angle_beta   90.00
_cell.angle_gamma   120.00
#
_symmetry.space_group_name_H-M   'P 65 2 2'
#
loop_
_entity.id
_entity.type
_entity.pdbx_description
1 polymer 'Glutathione reductase'
2 non-polymer 'FLAVIN-ADENINE DINUCLEOTIDE'
3 non-polymer BETA-MERCAPTOETHANOL
4 non-polymer 'CHLORIDE ION'
5 non-polymer 'SULFATE ION'
6 non-polymer GLYCEROL
7 non-polymer '4-(2-HYDROXYETHYL)-1-PIPERAZINE ETHANESULFONIC ACID'
8 non-polymer beta-D-fructopyranose
9 water water
#
_entity_poly.entity_id   1
_entity_poly.type   'polypeptide(L)'
_entity_poly.pdbx_seq_one_letter_code
;SNAMTKQYDYIVIGGGSGGIASANRAAMHGAKVILFEGKQVGGTCVNVGCVPKKVMWYGAQVAETINNYAADYGFDVTTQ
AFHFDVLKQNRQAYIDRIHDSYERGFDSNGVERVYGYATFVDAHTVEVAGEHYTAPHILIATGGHALLPDIPGSEYGITS
DGFFELDAIPKRTAVVGAGYIAVEISGILHALGSETHLFVRRDRPLRKFDKEIVGTLVDEMKKDGPHLHTFSVPKEVIKN
TDNSLTLILENGEEYTVDTLIWAIGRAANTKGFNLEVTGVTLDSRGFIATDAFENTNVEGLYALGDVNGKLELTPVAVKA
GRQLSERLFNHKPQAKMDYKDVATVIFSHPVIGSIGLSEEAALDQYGEENVTVYRSTFTSMYTAVTSHRQACKMKLVTVG
EDEKIVGLHGIGYGVDEMIQGFAVAIKMGATKADFDNTVAIHPTGSEEFVTMR
;
_entity_poly.pdbx_strand_id   A,B
#
# COMPACT_ATOMS: atom_id res chain seq x y z
N ALA A 3 42.28 35.31 -12.14
CA ALA A 3 41.59 34.62 -11.02
C ALA A 3 42.10 33.18 -10.90
N MET A 4 42.69 32.84 -9.75
CA MET A 4 43.24 31.51 -9.52
C MET A 4 42.15 30.42 -9.50
N THR A 5 42.55 29.21 -9.87
CA THR A 5 41.64 28.08 -9.89
C THR A 5 41.33 27.64 -8.45
N LYS A 6 40.05 27.46 -8.16
N LYS A 6 40.05 27.49 -8.13
CA LYS A 6 39.58 27.10 -6.81
CA LYS A 6 39.62 27.08 -6.78
C LYS A 6 39.66 25.59 -6.58
C LYS A 6 39.76 25.57 -6.59
N GLN A 7 40.32 25.20 -5.48
N GLN A 7 40.27 25.18 -5.43
CA GLN A 7 40.51 23.78 -5.15
CA GLN A 7 40.53 23.77 -5.13
C GLN A 7 39.39 23.24 -4.27
C GLN A 7 39.50 23.16 -4.18
N TYR A 8 38.91 22.05 -4.61
CA TYR A 8 37.87 21.36 -3.86
C TYR A 8 38.28 19.89 -3.76
N ASP A 9 37.69 19.17 -2.80
CA ASP A 9 37.90 17.71 -2.72
C ASP A 9 36.97 17.03 -3.72
N TYR A 10 35.80 17.61 -3.97
CA TYR A 10 34.79 16.97 -4.80
C TYR A 10 33.96 17.99 -5.55
N ILE A 11 33.83 17.79 -6.87
CA ILE A 11 33.00 18.61 -7.73
C ILE A 11 31.91 17.70 -8.29
N VAL A 12 30.65 18.11 -8.11
CA VAL A 12 29.52 17.34 -8.62
C VAL A 12 28.86 18.17 -9.71
N ILE A 13 28.82 17.61 -10.91
CA ILE A 13 28.15 18.24 -12.03
C ILE A 13 26.74 17.63 -12.17
N GLY A 14 25.74 18.44 -11.83
CA GLY A 14 24.33 18.04 -11.88
C GLY A 14 23.71 18.07 -10.48
N GLY A 15 22.62 18.80 -10.34
CA GLY A 15 21.90 18.93 -9.09
C GLY A 15 20.59 18.16 -9.09
N GLY A 16 20.62 16.98 -9.69
CA GLY A 16 19.47 16.10 -9.68
C GLY A 16 19.59 15.10 -8.58
N SER A 17 18.80 14.04 -8.68
CA SER A 17 18.76 13.01 -7.66
C SER A 17 20.13 12.47 -7.30
N GLY A 18 20.91 12.12 -8.32
CA GLY A 18 22.22 11.56 -8.11
C GLY A 18 23.24 12.52 -7.54
N GLY A 19 23.31 13.70 -8.12
CA GLY A 19 24.26 14.71 -7.68
C GLY A 19 24.00 15.21 -6.26
N ILE A 20 22.76 15.53 -5.96
CA ILE A 20 22.38 15.99 -4.63
C ILE A 20 22.75 14.93 -3.58
N ALA A 21 22.35 13.70 -3.85
CA ALA A 21 22.61 12.60 -2.91
C ALA A 21 24.09 12.43 -2.67
N SER A 22 24.89 12.41 -3.72
CA SER A 22 26.35 12.22 -3.56
C SER A 22 27.03 13.40 -2.89
N ALA A 23 26.59 14.61 -3.26
CA ALA A 23 27.20 15.83 -2.68
C ALA A 23 26.93 15.90 -1.18
N ASN A 24 25.70 15.67 -0.78
CA ASN A 24 25.36 15.70 0.65
C ASN A 24 26.12 14.66 1.45
N ARG A 25 26.19 13.42 0.94
CA ARG A 25 26.89 12.36 1.68
C ARG A 25 28.39 12.65 1.79
N ALA A 26 28.98 13.20 0.73
CA ALA A 26 30.41 13.56 0.75
C ALA A 26 30.67 14.62 1.80
N ALA A 27 29.79 15.62 1.84
CA ALA A 27 29.92 16.69 2.84
C ALA A 27 29.77 16.16 4.26
N MET A 28 28.88 15.19 4.46
N MET A 28 28.87 15.20 4.46
CA MET A 28 28.66 14.61 5.77
CA MET A 28 28.69 14.56 5.77
C MET A 28 29.90 13.82 6.27
C MET A 28 30.00 14.00 6.27
N HIS A 29 30.79 13.46 5.34
CA HIS A 29 32.06 12.83 5.68
C HIS A 29 33.26 13.78 5.57
N GLY A 30 33.02 15.09 5.62
CA GLY A 30 34.11 16.07 5.68
C GLY A 30 34.73 16.56 4.39
N ALA A 31 34.20 16.13 3.24
CA ALA A 31 34.73 16.60 1.98
C ALA A 31 34.33 18.06 1.75
N LYS A 32 35.23 18.81 1.12
CA LYS A 32 34.96 20.18 0.69
C LYS A 32 34.36 19.98 -0.71
N VAL A 33 33.04 20.10 -0.78
CA VAL A 33 32.25 19.79 -1.97
C VAL A 33 31.59 21.01 -2.60
N ILE A 34 31.56 21.04 -3.94
CA ILE A 34 30.81 22.06 -4.66
C ILE A 34 29.98 21.36 -5.72
N LEU A 35 28.73 21.79 -5.85
CA LEU A 35 27.79 21.22 -6.79
C LEU A 35 27.37 22.28 -7.79
N PHE A 36 27.27 21.88 -9.06
CA PHE A 36 26.86 22.79 -10.13
C PHE A 36 25.57 22.30 -10.76
N GLU A 37 24.64 23.22 -10.98
CA GLU A 37 23.34 22.92 -11.60
C GLU A 37 22.99 24.08 -12.55
N GLY A 38 22.82 23.76 -13.83
CA GLY A 38 22.51 24.74 -14.84
C GLY A 38 21.05 25.15 -14.96
N LYS A 39 20.13 24.35 -14.42
CA LYS A 39 18.70 24.67 -14.48
C LYS A 39 18.18 24.79 -13.04
N GLN A 40 17.25 23.93 -12.64
CA GLN A 40 16.68 24.01 -11.29
C GLN A 40 17.15 22.89 -10.40
N VAL A 41 17.30 23.20 -9.12
CA VAL A 41 17.68 22.19 -8.14
C VAL A 41 16.59 21.12 -8.11
N GLY A 42 17.02 19.88 -7.93
CA GLY A 42 16.12 18.74 -7.89
C GLY A 42 16.11 17.95 -9.19
N GLY A 43 16.61 18.55 -10.27
CA GLY A 43 16.72 17.84 -11.53
C GLY A 43 15.40 17.37 -12.13
N THR A 44 15.47 16.26 -12.82
CA THR A 44 14.31 15.74 -13.54
C THR A 44 13.18 15.28 -12.62
N CYS A 45 13.51 14.50 -11.59
N CYS A 45 13.55 14.49 -11.59
CA CYS A 45 12.47 13.95 -10.73
CA CYS A 45 12.63 13.95 -10.58
C CYS A 45 11.63 15.01 -10.04
C CYS A 45 11.68 14.97 -10.01
N VAL A 46 12.27 16.02 -9.46
CA VAL A 46 11.52 17.05 -8.77
C VAL A 46 10.77 17.98 -9.70
N ASN A 47 11.38 18.35 -10.82
CA ASN A 47 10.81 19.37 -11.68
C ASN A 47 9.94 18.94 -12.86
N VAL A 48 10.31 17.86 -13.53
CA VAL A 48 9.61 17.41 -14.75
C VAL A 48 9.54 15.89 -14.80
N GLY A 49 9.46 15.29 -13.62
CA GLY A 49 9.48 13.83 -13.53
C GLY A 49 8.55 13.24 -12.50
N CYS A 50 9.09 12.39 -11.62
N CYS A 50 9.11 12.39 -11.64
CA CYS A 50 8.31 11.62 -10.64
CA CYS A 50 8.39 11.64 -10.59
C CYS A 50 7.32 12.47 -9.84
C CYS A 50 7.36 12.45 -9.82
N VAL A 51 7.80 13.58 -9.28
CA VAL A 51 6.94 14.42 -8.40
C VAL A 51 5.73 15.03 -9.12
N PRO A 52 5.95 15.86 -10.15
CA PRO A 52 4.77 16.41 -10.81
C PRO A 52 3.90 15.33 -11.46
N LYS A 53 4.53 14.25 -11.92
CA LYS A 53 3.77 13.13 -12.50
C LYS A 53 2.81 12.55 -11.45
N LYS A 54 3.32 12.36 -10.23
CA LYS A 54 2.54 11.72 -9.17
C LYS A 54 1.41 12.62 -8.70
N VAL A 55 1.69 13.92 -8.60
CA VAL A 55 0.62 14.88 -8.23
C VAL A 55 -0.52 14.81 -9.27
N MET A 56 -0.15 14.77 -10.55
N MET A 56 -0.17 14.76 -10.55
CA MET A 56 -1.14 14.68 -11.63
CA MET A 56 -1.19 14.68 -11.60
C MET A 56 -1.91 13.34 -11.57
C MET A 56 -1.91 13.33 -11.58
N TRP A 57 -1.20 12.28 -11.20
CA TRP A 57 -1.81 10.94 -11.08
C TRP A 57 -2.86 10.97 -9.96
N TYR A 58 -2.54 11.64 -8.85
CA TYR A 58 -3.52 11.82 -7.79
C TYR A 58 -4.75 12.58 -8.29
N GLY A 59 -4.53 13.59 -9.13
CA GLY A 59 -5.62 14.33 -9.74
C GLY A 59 -6.49 13.40 -10.57
N ALA A 60 -5.86 12.49 -11.29
CA ALA A 60 -6.57 11.50 -12.10
C ALA A 60 -7.37 10.54 -11.20
N GLN A 61 -6.81 10.19 -10.04
N GLN A 61 -6.83 10.18 -10.05
CA GLN A 61 -7.51 9.32 -9.07
CA GLN A 61 -7.55 9.28 -9.13
C GLN A 61 -8.77 10.01 -8.57
C GLN A 61 -8.78 10.00 -8.53
N VAL A 62 -8.66 11.31 -8.32
CA VAL A 62 -9.82 12.10 -7.87
C VAL A 62 -10.92 12.09 -8.96
N ALA A 63 -10.53 12.35 -10.21
CA ALA A 63 -11.44 12.30 -11.35
C ALA A 63 -12.15 10.95 -11.45
N GLU A 64 -11.37 9.87 -11.34
CA GLU A 64 -11.93 8.52 -11.41
C GLU A 64 -12.92 8.26 -10.29
N THR A 65 -12.60 8.73 -9.10
CA THR A 65 -13.51 8.58 -7.96
C THR A 65 -14.86 9.25 -8.27
N ILE A 66 -14.80 10.50 -8.72
CA ILE A 66 -16.00 11.27 -9.04
C ILE A 66 -16.77 10.64 -10.22
N ASN A 67 -16.06 10.30 -11.28
CA ASN A 67 -16.69 9.85 -12.52
C ASN A 67 -17.12 8.39 -12.55
N ASN A 68 -16.38 7.51 -11.91
CA ASN A 68 -16.61 6.07 -12.01
C ASN A 68 -17.13 5.35 -10.78
N TYR A 69 -16.83 5.84 -9.58
CA TYR A 69 -17.16 5.04 -8.38
C TYR A 69 -18.13 5.67 -7.41
N ALA A 70 -18.18 6.99 -7.37
CA ALA A 70 -18.96 7.70 -6.36
C ALA A 70 -20.43 7.30 -6.32
N ALA A 71 -21.06 7.23 -7.48
CA ALA A 71 -22.48 6.89 -7.54
C ALA A 71 -22.80 5.55 -6.91
N ASP A 72 -21.94 4.55 -7.10
CA ASP A 72 -22.19 3.22 -6.55
C ASP A 72 -21.96 3.12 -5.05
N TYR A 73 -21.27 4.10 -4.47
CA TYR A 73 -21.12 4.21 -3.02
C TYR A 73 -22.20 5.12 -2.42
N GLY A 74 -23.16 5.54 -3.26
CA GLY A 74 -24.31 6.34 -2.82
C GLY A 74 -24.22 7.83 -3.03
N PHE A 75 -23.13 8.31 -3.62
CA PHE A 75 -22.96 9.75 -3.78
C PHE A 75 -23.37 10.23 -5.14
N ASP A 76 -24.41 11.05 -5.17
N ASP A 76 -24.43 11.02 -5.22
CA ASP A 76 -24.89 11.68 -6.39
CA ASP A 76 -24.85 11.60 -6.48
C ASP A 76 -24.18 13.02 -6.45
C ASP A 76 -24.24 13.00 -6.53
N VAL A 77 -23.17 13.12 -7.31
CA VAL A 77 -22.40 14.36 -7.40
C VAL A 77 -22.34 14.89 -8.82
N THR A 78 -22.21 16.21 -8.92
CA THR A 78 -22.04 16.88 -10.19
C THR A 78 -20.76 17.72 -10.12
N THR A 79 -20.03 17.73 -11.22
CA THR A 79 -18.80 18.48 -11.33
C THR A 79 -19.15 19.80 -12.00
N GLN A 80 -19.19 20.87 -11.22
CA GLN A 80 -19.54 22.19 -11.74
C GLN A 80 -18.48 22.70 -12.71
N ALA A 81 -17.22 22.38 -12.41
CA ALA A 81 -16.11 22.82 -13.26
C ALA A 81 -14.81 22.12 -12.86
N PHE A 82 -13.88 22.08 -13.80
CA PHE A 82 -12.54 21.55 -13.54
C PHE A 82 -11.54 22.64 -13.90
N HIS A 83 -10.81 23.11 -12.90
CA HIS A 83 -9.84 24.18 -13.03
C HIS A 83 -8.43 23.61 -12.99
N PHE A 84 -7.90 23.26 -14.17
CA PHE A 84 -6.53 22.72 -14.28
C PHE A 84 -5.52 23.67 -13.64
N ASP A 85 -5.74 24.97 -13.77
CA ASP A 85 -4.82 25.95 -13.17
C ASP A 85 -4.65 25.75 -11.66
N VAL A 86 -5.72 25.34 -10.97
CA VAL A 86 -5.65 25.12 -9.52
C VAL A 86 -4.74 23.91 -9.22
N LEU A 87 -4.95 22.83 -9.96
CA LEU A 87 -4.10 21.65 -9.83
C LEU A 87 -2.64 22.04 -10.08
N LYS A 88 -2.37 22.78 -11.16
CA LYS A 88 -0.98 23.13 -11.50
C LYS A 88 -0.32 24.04 -10.46
N GLN A 89 -1.06 25.02 -9.95
N GLN A 89 -1.09 25.00 -9.96
CA GLN A 89 -0.52 25.92 -8.93
CA GLN A 89 -0.61 25.92 -8.94
C GLN A 89 -0.15 25.18 -7.66
C GLN A 89 -0.17 25.19 -7.67
N ASN A 90 -1.00 24.22 -7.25
CA ASN A 90 -0.72 23.43 -6.04
C ASN A 90 0.44 22.47 -6.28
N ARG A 91 0.53 21.95 -7.51
CA ARG A 91 1.66 21.09 -7.89
C ARG A 91 3.00 21.87 -7.81
N GLN A 92 3.01 23.06 -8.38
CA GLN A 92 4.22 23.87 -8.41
C GLN A 92 4.58 24.38 -6.99
N ALA A 93 3.58 24.69 -6.16
CA ALA A 93 3.87 25.16 -4.79
C ALA A 93 4.59 24.04 -4.01
N TYR A 94 4.14 22.82 -4.22
CA TYR A 94 4.76 21.64 -3.57
C TYR A 94 6.22 21.49 -4.02
N ILE A 95 6.42 21.58 -5.33
CA ILE A 95 7.75 21.51 -5.91
C ILE A 95 8.66 22.62 -5.38
N ASP A 96 8.13 23.84 -5.24
CA ASP A 96 8.93 24.93 -4.70
C ASP A 96 9.35 24.65 -3.25
N ARG A 97 8.48 24.00 -2.46
CA ARG A 97 8.85 23.65 -1.10
C ARG A 97 9.99 22.61 -1.08
N ILE A 98 10.00 21.72 -2.06
CA ILE A 98 11.09 20.75 -2.21
C ILE A 98 12.38 21.49 -2.54
N HIS A 99 12.34 22.47 -3.43
CA HIS A 99 13.55 23.26 -3.72
C HIS A 99 14.07 23.87 -2.43
N ASP A 100 13.18 24.50 -1.67
CA ASP A 100 13.57 25.16 -0.40
C ASP A 100 14.26 24.17 0.53
N SER A 101 13.69 22.96 0.64
N SER A 101 13.69 22.96 0.64
CA SER A 101 14.23 21.91 1.49
CA SER A 101 14.25 21.92 1.49
C SER A 101 15.66 21.50 1.09
C SER A 101 15.68 21.54 1.09
N TYR A 102 15.92 21.39 -0.21
CA TYR A 102 17.27 21.08 -0.71
C TYR A 102 18.28 22.15 -0.35
N GLU A 103 17.88 23.42 -0.45
N GLU A 103 17.87 23.41 -0.45
CA GLU A 103 18.77 24.54 -0.10
CA GLU A 103 18.74 24.53 -0.08
C GLU A 103 19.06 24.56 1.41
C GLU A 103 19.06 24.48 1.41
N ARG A 104 18.06 24.25 2.23
CA ARG A 104 18.26 24.16 3.69
C ARG A 104 19.21 22.98 4.01
N GLY A 105 19.09 21.90 3.25
CA GLY A 105 19.96 20.73 3.39
C GLY A 105 21.41 21.00 3.03
N PHE A 106 21.63 21.72 1.93
CA PHE A 106 22.99 22.10 1.54
C PHE A 106 23.64 22.96 2.62
N ASP A 107 22.88 23.92 3.16
CA ASP A 107 23.40 24.79 4.24
C ASP A 107 23.79 23.98 5.46
N SER A 108 22.88 23.09 5.86
CA SER A 108 23.08 22.24 7.02
C SER A 108 24.30 21.33 6.88
N ASN A 109 24.46 20.69 5.71
CA ASN A 109 25.57 19.75 5.44
C ASN A 109 26.88 20.41 5.05
N GLY A 110 26.82 21.66 4.62
CA GLY A 110 27.99 22.40 4.17
C GLY A 110 28.35 22.15 2.72
N VAL A 111 27.36 21.92 1.87
CA VAL A 111 27.60 21.77 0.44
C VAL A 111 27.54 23.14 -0.20
N GLU A 112 28.58 23.49 -0.96
CA GLU A 112 28.57 24.73 -1.73
C GLU A 112 27.90 24.44 -3.05
N ARG A 113 27.19 25.41 -3.59
CA ARG A 113 26.59 25.22 -4.90
C ARG A 113 26.53 26.49 -5.69
N VAL A 114 26.68 26.35 -7.00
CA VAL A 114 26.56 27.48 -7.90
C VAL A 114 25.55 27.07 -8.95
N TYR A 115 24.55 27.91 -9.16
CA TYR A 115 23.56 27.62 -10.19
C TYR A 115 24.06 28.16 -11.51
N GLY A 116 24.89 27.35 -12.15
CA GLY A 116 25.47 27.68 -13.44
C GLY A 116 25.90 26.41 -14.13
N TYR A 117 26.01 26.48 -15.46
CA TYR A 117 26.36 25.34 -16.30
C TYR A 117 27.86 25.13 -16.24
N ALA A 118 28.28 23.88 -15.99
CA ALA A 118 29.71 23.52 -15.88
C ALA A 118 30.24 22.93 -17.18
N THR A 119 31.39 23.43 -17.62
CA THR A 119 32.05 22.98 -18.85
C THR A 119 33.49 22.54 -18.53
N PHE A 120 33.89 21.37 -18.99
CA PHE A 120 35.26 20.88 -18.71
C PHE A 120 36.32 21.74 -19.39
N VAL A 121 37.42 21.94 -18.66
CA VAL A 121 38.63 22.65 -19.15
C VAL A 121 39.68 21.59 -19.42
N ASP A 122 39.77 20.62 -18.51
CA ASP A 122 40.66 19.46 -18.65
C ASP A 122 40.01 18.34 -17.83
N ALA A 123 40.67 17.21 -17.70
CA ALA A 123 40.04 16.07 -17.00
C ALA A 123 39.68 16.35 -15.54
N HIS A 124 40.35 17.30 -14.89
CA HIS A 124 40.10 17.55 -13.47
C HIS A 124 39.68 18.97 -13.15
N THR A 125 39.23 19.69 -14.17
CA THR A 125 38.91 21.09 -14.02
C THR A 125 37.69 21.49 -14.84
N VAL A 126 36.79 22.26 -14.23
CA VAL A 126 35.62 22.78 -14.92
C VAL A 126 35.55 24.29 -14.77
N GLU A 127 34.81 24.91 -15.70
CA GLU A 127 34.56 26.35 -15.74
C GLU A 127 33.07 26.60 -15.53
N VAL A 128 32.76 27.50 -14.59
CA VAL A 128 31.39 27.88 -14.30
C VAL A 128 31.39 29.38 -14.10
N ALA A 129 30.61 30.10 -14.92
CA ALA A 129 30.50 31.56 -14.80
C ALA A 129 31.86 32.25 -14.86
N GLY A 130 32.78 31.71 -15.67
CA GLY A 130 34.12 32.28 -15.83
C GLY A 130 35.17 31.87 -14.79
N GLU A 131 34.76 31.22 -13.71
CA GLU A 131 35.67 30.78 -12.68
C GLU A 131 36.06 29.33 -12.96
N HIS A 132 37.30 28.94 -12.64
CA HIS A 132 37.75 27.57 -12.81
C HIS A 132 37.76 26.87 -11.44
N TYR A 133 37.40 25.60 -11.44
CA TYR A 133 37.35 24.78 -10.23
C TYR A 133 38.00 23.43 -10.51
N THR A 134 38.81 22.93 -9.59
CA THR A 134 39.46 21.64 -9.78
C THR A 134 39.31 20.75 -8.55
N ALA A 135 39.26 19.44 -8.78
CA ALA A 135 39.22 18.50 -7.69
C ALA A 135 39.74 17.17 -8.18
N PRO A 136 40.31 16.37 -7.26
CA PRO A 136 40.77 15.03 -7.66
C PRO A 136 39.60 14.03 -7.86
N HIS A 137 38.38 14.47 -7.54
CA HIS A 137 37.18 13.67 -7.68
C HIS A 137 36.10 14.53 -8.31
N ILE A 138 35.61 14.10 -9.48
CA ILE A 138 34.54 14.83 -10.17
C ILE A 138 33.47 13.84 -10.56
N LEU A 139 32.24 14.08 -10.11
CA LEU A 139 31.10 13.24 -10.47
C LEU A 139 30.30 13.89 -11.60
N ILE A 140 30.12 13.14 -12.68
CA ILE A 140 29.27 13.52 -13.80
C ILE A 140 27.91 12.87 -13.55
N ALA A 141 26.95 13.66 -13.08
CA ALA A 141 25.58 13.20 -12.80
C ALA A 141 24.64 14.11 -13.55
N THR A 142 24.84 14.14 -14.86
CA THR A 142 24.17 15.09 -15.74
C THR A 142 22.81 14.66 -16.28
N GLY A 143 22.40 13.42 -15.97
CA GLY A 143 21.08 12.95 -16.36
C GLY A 143 20.92 12.65 -17.84
N GLY A 144 19.67 12.65 -18.28
CA GLY A 144 19.31 12.39 -19.67
C GLY A 144 18.28 13.39 -20.20
N HIS A 145 17.89 13.18 -21.45
CA HIS A 145 16.91 14.04 -22.09
C HIS A 145 16.00 13.20 -23.00
N ALA A 146 14.81 13.72 -23.29
CA ALA A 146 13.83 13.06 -24.17
C ALA A 146 14.27 13.09 -25.62
N LEU A 147 14.04 11.99 -26.31
CA LEU A 147 14.35 11.88 -27.74
C LEU A 147 13.21 12.34 -28.61
N LEU A 148 13.56 12.88 -29.76
CA LEU A 148 12.60 13.31 -30.77
C LEU A 148 12.84 12.47 -32.01
N PRO A 149 11.77 12.04 -32.68
CA PRO A 149 11.97 11.23 -33.88
C PRO A 149 12.49 12.08 -35.05
N ASP A 150 13.25 11.46 -35.95
CA ASP A 150 13.80 12.13 -37.12
C ASP A 150 12.82 11.98 -38.27
N ILE A 151 11.72 12.73 -38.20
CA ILE A 151 10.69 12.73 -39.22
C ILE A 151 10.24 14.17 -39.48
N PRO A 152 9.67 14.43 -40.67
CA PRO A 152 9.12 15.76 -40.94
C PRO A 152 8.03 16.11 -39.92
N GLY A 153 8.09 17.35 -39.40
CA GLY A 153 7.12 17.83 -38.42
C GLY A 153 7.36 17.40 -36.97
N SER A 154 8.50 16.76 -36.71
N SER A 154 8.50 16.76 -36.69
CA SER A 154 8.85 16.32 -35.36
CA SER A 154 8.81 16.32 -35.34
C SER A 154 8.78 17.48 -34.38
C SER A 154 8.78 17.48 -34.36
N GLU A 155 9.18 18.66 -34.84
CA GLU A 155 9.20 19.86 -34.01
C GLU A 155 7.83 20.31 -33.52
N TYR A 156 6.75 19.81 -34.12
CA TYR A 156 5.41 20.19 -33.68
C TYR A 156 5.00 19.48 -32.40
N GLY A 157 5.65 18.36 -32.09
CA GLY A 157 5.37 17.64 -30.86
C GLY A 157 6.13 18.23 -29.71
N ILE A 158 5.70 17.86 -28.51
CA ILE A 158 6.38 18.26 -27.29
C ILE A 158 6.84 16.97 -26.62
N THR A 159 7.61 17.08 -25.55
CA THR A 159 8.04 15.92 -24.81
C THR A 159 7.40 15.97 -23.43
N SER A 160 7.81 15.06 -22.55
CA SER A 160 7.28 15.07 -21.18
C SER A 160 7.49 16.43 -20.50
N ASP A 161 8.57 17.14 -20.84
CA ASP A 161 8.81 18.47 -20.27
C ASP A 161 7.67 19.41 -20.63
N GLY A 162 7.26 19.38 -21.91
CA GLY A 162 6.16 20.19 -22.40
C GLY A 162 4.84 19.81 -21.78
N PHE A 163 4.66 18.51 -21.47
CA PHE A 163 3.46 18.04 -20.77
C PHE A 163 3.27 18.78 -19.45
N PHE A 164 4.37 18.93 -18.70
CA PHE A 164 4.31 19.67 -17.44
C PHE A 164 4.18 21.17 -17.64
N GLU A 165 4.53 21.66 -18.83
CA GLU A 165 4.35 23.09 -19.12
C GLU A 165 2.91 23.41 -19.53
N LEU A 166 2.10 22.41 -19.88
CA LEU A 166 0.71 22.64 -20.26
C LEU A 166 -0.03 23.38 -19.14
N ASP A 167 -0.92 24.31 -19.52
CA ASP A 167 -1.74 25.08 -18.58
C ASP A 167 -3.22 24.68 -18.68
N ALA A 168 -3.51 23.71 -19.52
CA ALA A 168 -4.86 23.19 -19.69
C ALA A 168 -4.77 21.80 -20.30
N ILE A 169 -5.79 21.00 -20.10
CA ILE A 169 -5.85 19.67 -20.72
C ILE A 169 -6.24 19.88 -22.19
N PRO A 170 -5.42 19.39 -23.15
CA PRO A 170 -5.82 19.53 -24.56
C PRO A 170 -7.08 18.76 -24.82
N LYS A 171 -7.91 19.24 -25.74
CA LYS A 171 -9.14 18.54 -26.08
C LYS A 171 -8.81 17.12 -26.60
N ARG A 172 -7.80 17.03 -27.46
CA ARG A 172 -7.37 15.77 -28.08
C ARG A 172 -5.86 15.69 -27.99
N THR A 173 -5.34 14.54 -27.53
CA THR A 173 -3.90 14.38 -27.37
C THR A 173 -3.38 13.06 -27.95
N ALA A 174 -2.26 13.14 -28.66
CA ALA A 174 -1.56 11.95 -29.13
C ALA A 174 -0.35 11.76 -28.22
N VAL A 175 -0.15 10.54 -27.73
CA VAL A 175 1.05 10.20 -26.95
C VAL A 175 1.71 9.05 -27.73
N VAL A 176 2.94 9.25 -28.17
CA VAL A 176 3.68 8.29 -28.96
C VAL A 176 4.79 7.67 -28.12
N GLY A 177 4.73 6.35 -27.95
CA GLY A 177 5.73 5.63 -27.17
C GLY A 177 5.11 4.44 -26.49
N ALA A 178 5.95 3.56 -25.98
CA ALA A 178 5.49 2.29 -25.43
C ALA A 178 6.08 2.00 -24.05
N GLY A 179 6.81 2.96 -23.51
CA GLY A 179 7.43 2.80 -22.21
C GLY A 179 6.56 3.32 -21.08
N TYR A 180 7.10 3.29 -19.87
CA TYR A 180 6.32 3.69 -18.71
C TYR A 180 5.87 5.17 -18.78
N ILE A 181 6.72 6.04 -19.32
CA ILE A 181 6.34 7.46 -19.44
C ILE A 181 5.12 7.62 -20.36
N ALA A 182 5.14 6.97 -21.53
CA ALA A 182 3.99 7.08 -22.46
C ALA A 182 2.72 6.56 -21.81
N VAL A 183 2.85 5.44 -21.12
CA VAL A 183 1.70 4.82 -20.45
C VAL A 183 1.14 5.72 -19.34
N GLU A 184 2.03 6.28 -18.53
CA GLU A 184 1.63 7.14 -17.41
C GLU A 184 0.96 8.41 -17.90
N ILE A 185 1.62 9.09 -18.82
CA ILE A 185 1.07 10.34 -19.36
C ILE A 185 -0.29 10.14 -20.07
N SER A 186 -0.38 9.10 -20.89
CA SER A 186 -1.65 8.85 -21.59
C SER A 186 -2.78 8.52 -20.60
N GLY A 187 -2.45 7.81 -19.53
CA GLY A 187 -3.46 7.44 -18.54
C GLY A 187 -3.99 8.68 -17.80
N ILE A 188 -3.07 9.58 -17.46
CA ILE A 188 -3.43 10.84 -16.77
C ILE A 188 -4.30 11.72 -17.68
N LEU A 189 -3.88 11.87 -18.94
CA LEU A 189 -4.61 12.71 -19.89
C LEU A 189 -6.01 12.19 -20.11
N HIS A 190 -6.15 10.87 -20.22
CA HIS A 190 -7.50 10.32 -20.40
C HIS A 190 -8.37 10.57 -19.17
N ALA A 191 -7.82 10.32 -17.98
CA ALA A 191 -8.58 10.47 -16.73
C ALA A 191 -9.05 11.89 -16.53
N LEU A 192 -8.25 12.84 -17.01
CA LEU A 192 -8.56 14.26 -16.84
C LEU A 192 -9.33 14.87 -18.00
N GLY A 193 -9.85 14.02 -18.90
CA GLY A 193 -10.80 14.48 -19.92
C GLY A 193 -10.37 14.63 -21.36
N SER A 194 -9.09 14.42 -21.66
CA SER A 194 -8.64 14.52 -23.04
C SER A 194 -9.03 13.30 -23.88
N GLU A 195 -9.36 13.54 -25.15
CA GLU A 195 -9.55 12.42 -26.08
C GLU A 195 -8.12 11.98 -26.39
N THR A 196 -7.69 10.87 -25.77
CA THR A 196 -6.28 10.48 -25.76
C THR A 196 -6.01 9.24 -26.58
N HIS A 197 -4.98 9.33 -27.43
CA HIS A 197 -4.55 8.24 -28.29
C HIS A 197 -3.10 7.87 -27.97
N LEU A 198 -2.86 6.59 -27.65
CA LEU A 198 -1.54 6.07 -27.34
C LEU A 198 -1.05 5.22 -28.52
N PHE A 199 0.10 5.57 -29.09
CA PHE A 199 0.62 4.88 -30.29
C PHE A 199 1.89 4.12 -29.95
N VAL A 200 1.81 2.78 -29.99
CA VAL A 200 2.95 1.93 -29.72
C VAL A 200 3.42 1.34 -31.06
N ARG A 201 4.75 1.22 -31.21
N ARG A 201 4.75 1.23 -31.20
CA ARG A 201 5.34 0.75 -32.47
CA ARG A 201 5.39 0.74 -32.41
C ARG A 201 5.07 -0.71 -32.77
C ARG A 201 5.06 -0.70 -32.75
N ARG A 202 4.92 -1.53 -31.72
CA ARG A 202 4.71 -2.96 -31.94
C ARG A 202 3.43 -3.48 -31.31
N ASP A 203 3.48 -4.67 -30.72
CA ASP A 203 2.26 -5.37 -30.31
C ASP A 203 1.48 -4.76 -29.15
N ARG A 204 2.19 -4.14 -28.22
CA ARG A 204 1.59 -3.71 -26.99
C ARG A 204 2.54 -2.76 -26.28
N PRO A 205 2.03 -2.05 -25.28
CA PRO A 205 2.96 -1.24 -24.50
C PRO A 205 3.79 -2.14 -23.57
N LEU A 206 4.89 -1.61 -23.03
CA LEU A 206 5.69 -2.31 -22.02
C LEU A 206 6.03 -3.74 -22.44
N ARG A 207 6.60 -3.84 -23.64
CA ARG A 207 6.85 -5.15 -24.25
C ARG A 207 7.75 -6.06 -23.49
N LYS A 208 8.66 -5.51 -22.70
CA LYS A 208 9.58 -6.33 -21.91
C LYS A 208 9.02 -6.73 -20.56
N PHE A 209 7.88 -6.15 -20.19
N PHE A 209 7.91 -6.12 -20.13
CA PHE A 209 7.26 -6.50 -18.93
CA PHE A 209 7.29 -6.49 -18.86
C PHE A 209 6.58 -7.86 -19.06
C PHE A 209 6.49 -7.78 -19.04
N ASP A 210 6.26 -8.47 -17.92
CA ASP A 210 5.52 -9.73 -17.91
C ASP A 210 4.24 -9.62 -18.75
N LYS A 211 4.10 -10.54 -19.69
CA LYS A 211 3.00 -10.50 -20.65
C LYS A 211 1.62 -10.62 -20.05
N GLU A 212 1.46 -11.51 -19.06
CA GLU A 212 0.16 -11.70 -18.41
C GLU A 212 -0.28 -10.41 -17.72
N ILE A 213 0.65 -9.77 -17.03
CA ILE A 213 0.34 -8.50 -16.37
C ILE A 213 -0.02 -7.43 -17.41
N VAL A 214 0.78 -7.29 -18.47
CA VAL A 214 0.49 -6.27 -19.49
C VAL A 214 -0.82 -6.55 -20.23
N GLY A 215 -1.18 -7.82 -20.34
CA GLY A 215 -2.49 -8.20 -20.91
C GLY A 215 -3.64 -7.54 -20.15
N THR A 216 -3.52 -7.49 -18.82
CA THR A 216 -4.54 -6.86 -18.02
C THR A 216 -4.50 -5.34 -18.18
N LEU A 217 -3.31 -4.77 -18.30
CA LEU A 217 -3.19 -3.36 -18.54
C LEU A 217 -3.96 -3.00 -19.82
N VAL A 218 -3.71 -3.74 -20.88
CA VAL A 218 -4.36 -3.52 -22.16
C VAL A 218 -5.88 -3.69 -22.07
N ASP A 219 -6.34 -4.75 -21.39
CA ASP A 219 -7.76 -4.98 -21.22
C ASP A 219 -8.45 -3.85 -20.43
N GLU A 220 -7.80 -3.37 -19.38
CA GLU A 220 -8.38 -2.30 -18.56
C GLU A 220 -8.33 -0.94 -19.27
N MET A 221 -7.24 -0.66 -20.01
N MET A 221 -7.26 -0.72 -20.04
CA MET A 221 -7.20 0.57 -20.80
CA MET A 221 -7.10 0.48 -20.84
C MET A 221 -8.36 0.60 -21.82
C MET A 221 -8.27 0.60 -21.85
N LYS A 222 -8.66 -0.55 -22.40
CA LYS A 222 -9.79 -0.64 -23.34
C LYS A 222 -11.11 -0.24 -22.67
N LYS A 223 -11.30 -0.69 -21.43
CA LYS A 223 -12.51 -0.37 -20.67
C LYS A 223 -12.52 1.07 -20.21
N ASP A 224 -11.37 1.59 -19.76
CA ASP A 224 -11.27 2.95 -19.25
C ASP A 224 -9.84 3.42 -19.44
N GLY A 225 -9.58 4.08 -20.54
CA GLY A 225 -8.23 4.56 -20.78
C GLY A 225 -8.10 5.15 -22.14
N PRO A 226 -6.88 5.51 -22.51
CA PRO A 226 -6.67 6.03 -23.85
C PRO A 226 -6.98 4.99 -24.92
N HIS A 227 -7.16 5.44 -26.15
CA HIS A 227 -7.35 4.54 -27.28
C HIS A 227 -5.95 4.03 -27.62
N LEU A 228 -5.79 2.71 -27.69
CA LEU A 228 -4.48 2.11 -27.97
C LEU A 228 -4.39 1.80 -29.46
N HIS A 229 -3.29 2.21 -30.08
CA HIS A 229 -3.05 1.97 -31.50
C HIS A 229 -1.74 1.21 -31.56
N THR A 230 -1.82 -0.04 -31.98
CA THR A 230 -0.65 -0.90 -32.09
C THR A 230 -0.05 -0.84 -33.48
N PHE A 231 1.16 -1.36 -33.59
CA PHE A 231 1.91 -1.32 -34.84
C PHE A 231 1.82 0.05 -35.53
N SER A 232 2.01 1.10 -34.71
CA SER A 232 1.90 2.47 -35.15
C SER A 232 3.27 3.15 -35.20
N VAL A 233 3.80 3.33 -36.42
CA VAL A 233 5.11 3.92 -36.64
C VAL A 233 4.92 5.32 -37.24
N PRO A 234 5.28 6.38 -36.49
CA PRO A 234 5.11 7.74 -37.04
C PRO A 234 5.92 7.98 -38.33
N LYS A 235 5.25 8.55 -39.34
CA LYS A 235 5.89 8.90 -40.59
C LYS A 235 6.09 10.40 -40.67
N GLU A 236 5.08 11.16 -40.28
CA GLU A 236 5.13 12.61 -40.39
C GLU A 236 4.05 13.27 -39.53
N VAL A 237 4.31 14.52 -39.13
CA VAL A 237 3.32 15.33 -38.43
C VAL A 237 3.09 16.61 -39.24
N ILE A 238 1.83 16.89 -39.56
CA ILE A 238 1.43 18.09 -40.29
C ILE A 238 0.79 19.07 -39.33
N LYS A 239 1.08 20.35 -39.49
CA LYS A 239 0.38 21.39 -38.73
C LYS A 239 -0.67 21.99 -39.68
N ASN A 240 -1.93 21.89 -39.31
CA ASN A 240 -3.03 22.36 -40.13
C ASN A 240 -3.23 23.86 -39.94
N THR A 241 -4.02 24.47 -40.83
CA THR A 241 -4.32 25.91 -40.80
C THR A 241 -4.82 26.36 -39.43
N ASP A 242 -5.73 25.57 -38.85
CA ASP A 242 -6.32 25.87 -37.53
C ASP A 242 -5.37 25.59 -36.34
N ASN A 243 -4.12 25.23 -36.61
CA ASN A 243 -3.09 24.96 -35.59
C ASN A 243 -3.16 23.54 -34.97
N SER A 244 -4.13 22.72 -35.41
CA SER A 244 -4.19 21.33 -34.95
C SER A 244 -3.06 20.57 -35.64
N LEU A 245 -2.80 19.35 -35.18
CA LEU A 245 -1.73 18.54 -35.73
C LEU A 245 -2.29 17.24 -36.24
N THR A 246 -1.83 16.81 -37.40
CA THR A 246 -2.24 15.52 -37.94
C THR A 246 -1.02 14.61 -37.95
N LEU A 247 -1.10 13.50 -37.24
CA LEU A 247 -0.03 12.51 -37.19
C LEU A 247 -0.31 11.48 -38.28
N ILE A 248 0.66 11.25 -39.15
N ILE A 248 0.63 11.26 -39.19
CA ILE A 248 0.54 10.28 -40.23
CA ILE A 248 0.49 10.24 -40.23
C ILE A 248 1.41 9.07 -39.89
C ILE A 248 1.39 9.08 -39.90
N LEU A 249 0.81 7.88 -39.86
CA LEU A 249 1.56 6.65 -39.57
C LEU A 249 2.07 5.97 -40.84
N GLU A 250 3.09 5.11 -40.72
CA GLU A 250 3.60 4.37 -41.89
C GLU A 250 2.51 3.46 -42.49
N ASN A 251 1.56 3.01 -41.67
CA ASN A 251 0.48 2.16 -42.19
C ASN A 251 -0.61 2.94 -42.94
N GLY A 252 -0.43 4.25 -43.09
CA GLY A 252 -1.38 5.09 -43.82
C GLY A 252 -2.44 5.79 -43.00
N GLU A 253 -2.67 5.36 -41.76
CA GLU A 253 -3.71 5.98 -40.94
C GLU A 253 -3.30 7.37 -40.50
N GLU A 254 -4.30 8.24 -40.27
CA GLU A 254 -4.05 9.61 -39.84
C GLU A 254 -4.89 9.96 -38.64
N TYR A 255 -4.32 10.71 -37.72
CA TYR A 255 -5.02 11.13 -36.51
C TYR A 255 -4.80 12.61 -36.28
N THR A 256 -5.88 13.36 -36.04
CA THR A 256 -5.77 14.80 -35.79
C THR A 256 -6.00 15.08 -34.32
N VAL A 257 -5.07 15.81 -33.73
CA VAL A 257 -5.10 16.16 -32.31
C VAL A 257 -4.66 17.61 -32.10
N ASP A 258 -4.76 18.08 -30.86
CA ASP A 258 -4.37 19.43 -30.51
C ASP A 258 -2.93 19.48 -30.02
N THR A 259 -2.51 18.41 -29.36
CA THR A 259 -1.17 18.30 -28.79
C THR A 259 -0.66 16.89 -29.04
N LEU A 260 0.62 16.79 -29.38
CA LEU A 260 1.28 15.51 -29.62
C LEU A 260 2.51 15.43 -28.74
N ILE A 261 2.62 14.35 -27.98
CA ILE A 261 3.70 14.17 -27.04
C ILE A 261 4.57 13.00 -27.48
N TRP A 262 5.85 13.27 -27.73
CA TRP A 262 6.83 12.22 -28.03
C TRP A 262 7.37 11.66 -26.71
N ALA A 263 7.16 10.36 -26.48
CA ALA A 263 7.70 9.66 -25.28
C ALA A 263 8.31 8.38 -25.80
N ILE A 264 9.22 8.55 -26.75
CA ILE A 264 9.84 7.43 -27.48
C ILE A 264 11.16 6.93 -26.93
N GLY A 265 11.69 7.60 -25.91
CA GLY A 265 12.93 7.18 -25.28
C GLY A 265 13.67 8.38 -24.71
N ARG A 266 14.71 8.08 -23.92
CA ARG A 266 15.58 9.09 -23.34
C ARG A 266 17.03 8.67 -23.57
N ALA A 267 17.91 9.66 -23.67
CA ALA A 267 19.31 9.43 -23.93
C ALA A 267 20.15 10.25 -22.97
N ALA A 268 21.38 9.81 -22.78
CA ALA A 268 22.30 10.48 -21.89
C ALA A 268 22.62 11.92 -22.26
N ASN A 269 22.77 12.77 -21.24
CA ASN A 269 23.28 14.15 -21.42
C ASN A 269 24.82 14.09 -21.41
N THR A 270 25.40 13.99 -22.60
CA THR A 270 26.86 13.92 -22.75
C THR A 270 27.45 15.05 -23.59
N LYS A 271 26.58 15.85 -24.24
CA LYS A 271 27.04 16.91 -25.14
C LYS A 271 26.85 18.31 -24.59
N GLY A 272 27.67 19.24 -25.07
CA GLY A 272 27.54 20.64 -24.71
C GLY A 272 28.41 21.12 -23.56
N PHE A 273 29.11 20.20 -22.90
CA PHE A 273 29.96 20.59 -21.75
C PHE A 273 31.41 20.14 -21.88
N ASN A 274 31.86 19.94 -23.12
CA ASN A 274 33.26 19.64 -23.44
C ASN A 274 33.78 18.35 -22.80
N LEU A 275 32.89 17.37 -22.67
CA LEU A 275 33.26 16.07 -22.13
C LEU A 275 34.42 15.41 -22.90
N GLU A 276 34.53 15.73 -24.19
CA GLU A 276 35.57 15.13 -25.04
C GLU A 276 37.00 15.34 -24.50
N VAL A 277 37.26 16.46 -23.85
CA VAL A 277 38.62 16.74 -23.35
C VAL A 277 39.02 15.88 -22.16
N THR A 278 38.05 15.19 -21.56
CA THR A 278 38.28 14.36 -20.38
C THR A 278 38.80 12.98 -20.71
N GLY A 279 38.60 12.53 -21.95
CA GLY A 279 38.95 11.17 -22.36
C GLY A 279 37.93 10.12 -21.92
N VAL A 280 36.82 10.56 -21.30
CA VAL A 280 35.77 9.63 -20.87
C VAL A 280 35.11 8.94 -22.06
N THR A 281 35.00 7.61 -21.97
CA THR A 281 34.43 6.76 -23.01
C THR A 281 32.93 6.55 -22.82
N LEU A 282 32.21 6.50 -23.95
CA LEU A 282 30.79 6.20 -23.96
C LEU A 282 30.60 4.76 -24.43
N ASP A 283 29.48 4.15 -24.03
CA ASP A 283 29.15 2.82 -24.49
C ASP A 283 28.43 2.95 -25.84
N SER A 284 28.05 1.81 -26.43
CA SER A 284 27.44 1.79 -27.76
C SER A 284 26.07 2.48 -27.82
N ARG A 285 25.43 2.67 -26.68
CA ARG A 285 24.11 3.34 -26.63
C ARG A 285 24.24 4.83 -26.30
N GLY A 286 25.47 5.32 -26.14
CA GLY A 286 25.72 6.74 -25.85
C GLY A 286 25.79 7.13 -24.38
N PHE A 287 25.63 6.16 -23.47
CA PHE A 287 25.75 6.46 -22.05
C PHE A 287 27.22 6.46 -21.65
N ILE A 288 27.54 7.09 -20.53
CA ILE A 288 28.94 7.05 -20.04
C ILE A 288 29.21 5.65 -19.49
N ALA A 289 30.24 4.99 -20.04
CA ALA A 289 30.61 3.66 -19.59
C ALA A 289 31.19 3.70 -18.19
N THR A 290 30.78 2.77 -17.34
CA THR A 290 31.29 2.71 -15.98
C THR A 290 31.45 1.29 -15.50
N ASP A 291 32.28 1.11 -14.49
CA ASP A 291 32.41 -0.18 -13.85
C ASP A 291 31.39 -0.27 -12.68
N ALA A 292 31.49 -1.32 -11.86
CA ALA A 292 30.55 -1.54 -10.76
C ALA A 292 30.59 -0.45 -9.68
N PHE A 293 31.67 0.31 -9.65
CA PHE A 293 31.89 1.38 -8.66
C PHE A 293 31.65 2.78 -9.25
N GLU A 294 31.03 2.84 -10.43
CA GLU A 294 30.73 4.11 -11.14
C GLU A 294 31.98 4.84 -11.67
N ASN A 295 33.12 4.14 -11.72
CA ASN A 295 34.32 4.72 -12.31
C ASN A 295 34.18 4.77 -13.82
N THR A 296 34.49 5.92 -14.42
CA THR A 296 34.67 5.97 -15.86
C THR A 296 36.06 5.35 -16.14
N ASN A 297 36.49 5.37 -17.40
CA ASN A 297 37.82 4.90 -17.74
C ASN A 297 38.95 5.85 -17.31
N VAL A 298 38.60 7.02 -16.76
CA VAL A 298 39.59 8.03 -16.37
C VAL A 298 39.59 8.17 -14.87
N GLU A 299 40.75 7.97 -14.24
N GLU A 299 40.76 7.99 -14.26
CA GLU A 299 40.84 8.03 -12.77
CA GLU A 299 40.93 8.10 -12.81
C GLU A 299 40.40 9.41 -12.28
C GLU A 299 40.42 9.44 -12.29
N GLY A 300 39.57 9.41 -11.25
CA GLY A 300 39.06 10.66 -10.66
C GLY A 300 37.80 11.23 -11.30
N LEU A 301 37.28 10.52 -12.30
CA LEU A 301 36.01 10.86 -12.94
C LEU A 301 35.05 9.67 -12.78
N TYR A 302 33.84 9.98 -12.30
CA TYR A 302 32.78 9.00 -12.03
C TYR A 302 31.52 9.44 -12.74
N ALA A 303 30.59 8.50 -12.92
CA ALA A 303 29.33 8.84 -13.53
C ALA A 303 28.26 7.92 -12.98
N LEU A 304 27.12 8.50 -12.59
CA LEU A 304 26.02 7.71 -12.07
C LEU A 304 24.70 8.42 -12.33
N GLY A 305 23.62 7.70 -12.09
CA GLY A 305 22.29 8.19 -12.40
C GLY A 305 21.99 7.85 -13.84
N ASP A 306 21.06 8.59 -14.43
CA ASP A 306 20.61 8.31 -15.79
C ASP A 306 21.72 8.32 -16.85
N VAL A 307 22.74 9.14 -16.63
CA VAL A 307 23.80 9.30 -17.61
C VAL A 307 24.62 8.01 -17.82
N ASN A 308 24.57 7.06 -16.87
CA ASN A 308 25.34 5.81 -17.04
C ASN A 308 24.52 4.67 -17.64
N GLY A 309 23.24 4.95 -17.90
CA GLY A 309 22.34 4.03 -18.59
C GLY A 309 21.94 2.74 -17.88
N LYS A 310 22.33 2.57 -16.63
CA LYS A 310 22.10 1.28 -15.97
C LYS A 310 20.66 1.03 -15.62
N LEU A 311 20.04 1.96 -14.90
CA LEU A 311 18.65 1.83 -14.47
C LEU A 311 18.11 3.25 -14.20
N GLU A 312 17.23 3.74 -15.07
N GLU A 312 17.20 3.71 -15.06
CA GLU A 312 16.74 5.11 -15.01
CA GLU A 312 16.63 5.08 -15.07
C GLU A 312 15.64 5.31 -13.97
C GLU A 312 15.60 5.30 -13.97
N LEU A 313 16.06 5.36 -12.72
CA LEU A 313 15.17 5.55 -11.55
C LEU A 313 15.84 6.45 -10.53
N THR A 314 15.03 7.24 -9.86
CA THR A 314 15.51 8.16 -8.84
C THR A 314 16.23 7.49 -7.68
N PRO A 315 15.62 6.46 -7.08
CA PRO A 315 16.26 5.84 -5.92
C PRO A 315 17.58 5.15 -6.23
N VAL A 316 17.75 4.71 -7.48
CA VAL A 316 18.99 4.13 -7.98
C VAL A 316 20.09 5.21 -8.02
N ALA A 317 19.78 6.37 -8.60
CA ALA A 317 20.73 7.47 -8.64
C ALA A 317 21.12 7.87 -7.19
N VAL A 318 20.12 7.94 -6.31
CA VAL A 318 20.36 8.35 -4.92
C VAL A 318 21.29 7.39 -4.20
N LYS A 319 20.97 6.10 -4.26
N LYS A 319 20.96 6.10 -4.22
CA LYS A 319 21.76 5.11 -3.55
CA LYS A 319 21.77 5.09 -3.54
C LYS A 319 23.18 5.01 -4.13
C LYS A 319 23.18 5.01 -4.13
N ALA A 320 23.27 5.02 -5.46
CA ALA A 320 24.57 4.95 -6.15
C ALA A 320 25.43 6.15 -5.75
N GLY A 321 24.79 7.32 -5.68
CA GLY A 321 25.49 8.54 -5.29
C GLY A 321 25.99 8.50 -3.87
N ARG A 322 25.16 7.95 -2.97
CA ARG A 322 25.54 7.82 -1.57
C ARG A 322 26.65 6.81 -1.40
N GLN A 323 26.54 5.68 -2.07
CA GLN A 323 27.58 4.63 -1.98
C GLN A 323 28.91 5.10 -2.56
N LEU A 324 28.86 5.92 -3.60
CA LEU A 324 30.12 6.45 -4.16
C LEU A 324 30.81 7.34 -3.13
N SER A 325 30.05 8.18 -2.45
CA SER A 325 30.62 9.05 -1.43
C SER A 325 31.14 8.26 -0.22
N GLU A 326 30.44 7.18 0.13
CA GLU A 326 30.94 6.28 1.17
C GLU A 326 32.30 5.74 0.74
N ARG A 327 32.40 5.37 -0.52
CA ARG A 327 33.64 4.84 -1.05
C ARG A 327 34.76 5.86 -1.07
N LEU A 328 34.48 7.02 -1.65
CA LEU A 328 35.53 8.00 -1.85
C LEU A 328 35.94 8.75 -0.58
N PHE A 329 34.98 8.98 0.33
CA PHE A 329 35.23 9.82 1.50
C PHE A 329 35.05 9.20 2.88
N ASN A 330 34.63 7.93 2.93
CA ASN A 330 34.45 7.22 4.19
C ASN A 330 35.19 5.86 4.20
N HIS A 331 36.26 5.79 3.38
CA HIS A 331 37.19 4.66 3.36
C HIS A 331 36.57 3.25 3.18
N LYS A 332 35.61 3.14 2.25
CA LYS A 332 34.93 1.86 1.97
C LYS A 332 35.12 1.46 0.50
N PRO A 333 36.28 0.91 0.16
CA PRO A 333 36.56 0.59 -1.24
C PRO A 333 35.58 -0.37 -1.90
N GLN A 334 34.85 -1.14 -1.10
CA GLN A 334 33.87 -2.06 -1.65
C GLN A 334 32.45 -1.52 -1.66
N ALA A 335 32.25 -0.27 -1.22
CA ALA A 335 30.89 0.29 -1.23
C ALA A 335 30.44 0.54 -2.68
N LYS A 336 29.27 0.02 -3.03
CA LYS A 336 28.74 0.22 -4.37
C LYS A 336 27.24 -0.03 -4.41
N MET A 337 26.65 0.31 -5.54
CA MET A 337 25.24 0.12 -5.77
C MET A 337 24.92 -1.31 -6.11
N ASP A 338 23.79 -1.80 -5.60
CA ASP A 338 23.27 -3.13 -5.94
C ASP A 338 22.12 -2.90 -6.91
N TYR A 339 22.36 -3.20 -8.19
CA TYR A 339 21.36 -2.96 -9.24
C TYR A 339 20.40 -4.15 -9.50
N LYS A 340 20.47 -5.19 -8.68
N LYS A 340 20.50 -5.21 -8.70
CA LYS A 340 19.68 -6.39 -8.88
CA LYS A 340 19.66 -6.40 -8.87
C LYS A 340 18.41 -6.39 -8.04
C LYS A 340 18.39 -6.35 -8.06
N ASP A 341 17.30 -6.80 -8.66
CA ASP A 341 15.99 -6.86 -7.99
C ASP A 341 15.51 -5.52 -7.44
N VAL A 342 15.75 -4.46 -8.21
CA VAL A 342 15.23 -3.14 -7.87
C VAL A 342 13.74 -3.11 -8.25
N ALA A 343 12.90 -2.77 -7.28
CA ALA A 343 11.45 -2.73 -7.50
C ALA A 343 11.05 -1.45 -8.18
N THR A 344 9.97 -1.54 -8.98
CA THR A 344 9.41 -0.37 -9.65
C THR A 344 7.89 -0.42 -9.61
N VAL A 345 7.31 0.77 -9.74
CA VAL A 345 5.89 0.92 -9.85
C VAL A 345 5.68 1.82 -11.07
N ILE A 346 4.74 1.45 -11.92
CA ILE A 346 4.34 2.23 -13.06
C ILE A 346 2.95 2.74 -12.76
N PHE A 347 2.82 4.07 -12.77
CA PHE A 347 1.56 4.71 -12.42
C PHE A 347 0.59 4.80 -13.58
N SER A 348 0.32 3.62 -14.11
CA SER A 348 -0.67 3.41 -15.13
C SER A 348 -2.01 3.32 -14.43
N HIS A 349 -3.07 3.08 -15.20
N HIS A 349 -3.06 3.06 -15.20
CA HIS A 349 -4.38 2.90 -14.60
CA HIS A 349 -4.42 2.92 -14.67
C HIS A 349 -5.00 1.62 -15.11
C HIS A 349 -5.02 1.60 -15.13
N PRO A 350 -5.04 0.57 -14.27
CA PRO A 350 -4.53 0.49 -12.89
C PRO A 350 -3.00 0.41 -12.85
N VAL A 351 -2.42 0.64 -11.68
N VAL A 351 -2.46 0.60 -11.65
CA VAL A 351 -0.97 0.68 -11.56
CA VAL A 351 -1.01 0.61 -11.40
C VAL A 351 -0.37 -0.73 -11.61
C VAL A 351 -0.36 -0.76 -11.56
N ILE A 352 0.88 -0.78 -12.05
CA ILE A 352 1.68 -2.02 -12.14
C ILE A 352 2.83 -1.94 -11.15
N GLY A 353 3.06 -3.02 -10.41
CA GLY A 353 4.17 -3.10 -9.47
C GLY A 353 5.00 -4.32 -9.87
N SER A 354 6.33 -4.19 -9.80
CA SER A 354 7.19 -5.26 -10.29
C SER A 354 8.52 -5.35 -9.61
N ILE A 355 8.99 -6.59 -9.41
CA ILE A 355 10.31 -6.83 -8.88
C ILE A 355 10.84 -8.06 -9.61
N GLY A 356 12.06 -7.95 -10.12
CA GLY A 356 12.72 -9.10 -10.71
C GLY A 356 12.23 -9.52 -12.06
N LEU A 357 12.35 -10.82 -12.33
CA LEU A 357 12.09 -11.37 -13.65
C LEU A 357 10.64 -11.60 -14.02
N SER A 358 10.31 -11.24 -15.26
CA SER A 358 9.04 -11.65 -15.84
C SER A 358 9.00 -13.17 -15.93
N GLU A 359 7.80 -13.72 -16.10
CA GLU A 359 7.69 -15.16 -16.32
C GLU A 359 8.51 -15.57 -17.57
N GLU A 360 8.41 -14.76 -18.63
CA GLU A 360 9.12 -15.05 -19.89
C GLU A 360 10.65 -15.07 -19.69
N ALA A 361 11.18 -14.10 -18.95
CA ALA A 361 12.63 -14.04 -18.73
C ALA A 361 13.08 -15.22 -17.86
N ALA A 362 12.26 -15.58 -16.86
CA ALA A 362 12.59 -16.71 -15.97
C ALA A 362 12.65 -18.01 -16.73
N LEU A 363 11.67 -18.23 -17.61
CA LEU A 363 11.65 -19.45 -18.41
C LEU A 363 12.86 -19.49 -19.34
N ASP A 364 13.22 -18.34 -19.90
N ASP A 364 13.19 -18.36 -19.97
CA ASP A 364 14.37 -18.25 -20.79
CA ASP A 364 14.32 -18.31 -20.89
C ASP A 364 15.68 -18.57 -20.03
C ASP A 364 15.66 -18.53 -20.20
N GLN A 365 15.82 -18.01 -18.83
N GLN A 365 15.76 -18.12 -18.94
CA GLN A 365 17.03 -18.18 -18.04
CA GLN A 365 17.01 -18.28 -18.21
C GLN A 365 17.16 -19.56 -17.40
C GLN A 365 17.11 -19.63 -17.51
N TYR A 366 16.08 -20.01 -16.77
CA TYR A 366 16.10 -21.24 -15.97
C TYR A 366 15.55 -22.51 -16.60
N GLY A 367 14.73 -22.39 -17.64
CA GLY A 367 14.11 -23.54 -18.26
C GLY A 367 12.78 -23.87 -17.61
N GLU A 368 11.82 -24.26 -18.44
CA GLU A 368 10.45 -24.58 -18.01
C GLU A 368 10.36 -25.63 -16.92
N GLU A 369 11.26 -26.61 -16.92
CA GLU A 369 11.25 -27.63 -15.87
C GLU A 369 11.65 -27.09 -14.49
N ASN A 370 12.21 -25.88 -14.41
CA ASN A 370 12.74 -25.38 -13.16
C ASN A 370 12.03 -24.13 -12.64
N VAL A 371 10.96 -23.72 -13.33
CA VAL A 371 10.16 -22.58 -12.96
C VAL A 371 8.76 -23.01 -12.53
N THR A 372 8.30 -22.44 -11.40
CA THR A 372 6.96 -22.67 -10.89
C THR A 372 6.34 -21.31 -10.64
N VAL A 373 5.22 -21.04 -11.31
CA VAL A 373 4.54 -19.75 -11.19
C VAL A 373 3.27 -19.91 -10.37
N TYR A 374 3.04 -18.98 -9.44
CA TYR A 374 1.82 -18.94 -8.66
C TYR A 374 1.10 -17.67 -9.10
N ARG A 375 -0.21 -17.73 -9.27
N ARG A 375 -0.22 -17.72 -9.13
CA ARG A 375 -0.94 -16.55 -9.79
CA ARG A 375 -1.04 -16.61 -9.60
C ARG A 375 -2.29 -16.43 -9.13
C ARG A 375 -2.26 -16.39 -8.77
N SER A 376 -2.71 -15.20 -8.86
N SER A 376 -2.79 -15.17 -8.88
CA SER A 376 -4.04 -14.94 -8.36
CA SER A 376 -4.04 -14.83 -8.27
C SER A 376 -4.65 -13.79 -9.14
C SER A 376 -4.66 -13.75 -9.12
N THR A 377 -5.89 -14.00 -9.58
CA THR A 377 -6.66 -13.02 -10.38
C THR A 377 -7.98 -12.83 -9.64
N PHE A 378 -8.37 -11.58 -9.42
CA PHE A 378 -9.60 -11.24 -8.70
C PHE A 378 -10.07 -9.84 -9.07
N THR A 379 -11.18 -9.39 -8.49
CA THR A 379 -11.66 -8.03 -8.70
C THR A 379 -11.39 -7.28 -7.43
N SER A 380 -10.71 -6.13 -7.54
CA SER A 380 -10.40 -5.31 -6.36
C SER A 380 -11.70 -4.99 -5.64
N MET A 381 -11.72 -5.18 -4.32
N MET A 381 -11.70 -5.16 -4.33
CA MET A 381 -12.95 -4.95 -3.52
CA MET A 381 -12.89 -4.95 -3.52
C MET A 381 -13.50 -3.54 -3.72
C MET A 381 -13.48 -3.56 -3.69
N TYR A 382 -12.60 -2.57 -3.85
CA TYR A 382 -13.02 -1.18 -4.06
C TYR A 382 -13.92 -1.03 -5.28
N THR A 383 -13.54 -1.69 -6.37
CA THR A 383 -14.29 -1.59 -7.62
C THR A 383 -15.38 -2.63 -7.78
N ALA A 384 -15.27 -3.72 -7.02
CA ALA A 384 -16.16 -4.87 -7.15
C ALA A 384 -17.61 -4.58 -6.90
N VAL A 385 -17.87 -3.62 -6.00
CA VAL A 385 -19.20 -3.23 -5.62
C VAL A 385 -19.81 -2.16 -6.53
N THR A 386 -19.08 -1.77 -7.57
CA THR A 386 -19.48 -0.69 -8.49
C THR A 386 -19.80 -1.19 -9.87
N SER A 387 -20.23 -0.27 -10.73
CA SER A 387 -20.50 -0.58 -12.15
C SER A 387 -19.23 -0.50 -13.01
N HIS A 388 -18.08 -0.28 -12.37
CA HIS A 388 -16.80 -0.23 -13.07
C HIS A 388 -15.81 -1.19 -12.39
N ARG A 389 -16.16 -2.46 -12.43
CA ARG A 389 -15.34 -3.51 -11.83
C ARG A 389 -13.98 -3.55 -12.53
N GLN A 390 -12.91 -3.69 -11.74
CA GLN A 390 -11.57 -3.70 -12.30
C GLN A 390 -10.81 -4.92 -11.81
N ALA A 391 -10.11 -5.58 -12.73
CA ALA A 391 -9.30 -6.73 -12.39
C ALA A 391 -8.05 -6.38 -11.61
N CYS A 392 -7.55 -7.38 -10.91
CA CYS A 392 -6.27 -7.31 -10.25
C CYS A 392 -5.64 -8.65 -10.54
N LYS A 393 -4.40 -8.63 -11.02
CA LYS A 393 -3.67 -9.86 -11.26
C LYS A 393 -2.34 -9.77 -10.53
N MET A 394 -1.97 -10.85 -9.84
CA MET A 394 -0.72 -10.91 -9.11
C MET A 394 -0.06 -12.24 -9.39
N LYS A 395 1.27 -12.26 -9.34
CA LYS A 395 1.98 -13.51 -9.56
C LYS A 395 3.34 -13.53 -8.90
N LEU A 396 3.79 -14.74 -8.60
CA LEU A 396 5.10 -15.02 -8.06
C LEU A 396 5.77 -16.00 -9.03
N VAL A 397 6.95 -15.61 -9.51
CA VAL A 397 7.77 -16.44 -10.40
C VAL A 397 8.87 -17.05 -9.54
N THR A 398 8.87 -18.38 -9.43
CA THR A 398 9.79 -19.06 -8.56
C THR A 398 10.63 -20.07 -9.33
N VAL A 399 11.79 -20.40 -8.77
CA VAL A 399 12.73 -21.33 -9.41
C VAL A 399 13.27 -22.35 -8.44
N GLY A 400 13.60 -23.51 -9.02
CA GLY A 400 14.18 -24.61 -8.29
C GLY A 400 13.28 -25.34 -7.33
N GLU A 401 13.85 -26.37 -6.70
CA GLU A 401 13.11 -27.14 -5.75
C GLU A 401 12.62 -26.32 -4.56
N ASP A 402 13.42 -25.36 -4.08
CA ASP A 402 12.99 -24.55 -2.91
C ASP A 402 12.12 -23.33 -3.28
N GLU A 403 11.80 -23.20 -4.56
CA GLU A 403 10.90 -22.14 -5.04
C GLU A 403 11.32 -20.73 -4.58
N LYS A 404 12.56 -20.39 -4.86
CA LYS A 404 13.07 -19.05 -4.58
C LYS A 404 12.32 -18.07 -5.48
N ILE A 405 11.89 -16.96 -4.92
CA ILE A 405 11.12 -15.99 -5.67
C ILE A 405 12.06 -15.08 -6.43
N VAL A 406 12.06 -15.23 -7.77
CA VAL A 406 12.90 -14.41 -8.65
C VAL A 406 12.13 -13.31 -9.38
N GLY A 407 10.80 -13.32 -9.26
CA GLY A 407 9.94 -12.29 -9.84
C GLY A 407 8.63 -12.18 -9.09
N LEU A 408 8.16 -10.95 -8.93
CA LEU A 408 6.91 -10.69 -8.26
C LEU A 408 6.28 -9.52 -9.00
N HIS A 409 5.03 -9.70 -9.43
CA HIS A 409 4.35 -8.68 -10.24
C HIS A 409 2.88 -8.58 -9.92
N GLY A 410 2.35 -7.38 -9.99
CA GLY A 410 0.95 -7.17 -9.75
C GLY A 410 0.46 -5.98 -10.53
N ILE A 411 -0.84 -6.00 -10.83
CA ILE A 411 -1.51 -4.88 -11.47
C ILE A 411 -2.88 -4.77 -10.83
N GLY A 412 -3.25 -3.58 -10.39
CA GLY A 412 -4.55 -3.36 -9.79
C GLY A 412 -4.56 -2.23 -8.77
N TYR A 413 -5.75 -1.96 -8.26
CA TYR A 413 -5.97 -0.90 -7.31
C TYR A 413 -5.15 -1.11 -6.05
N GLY A 414 -4.39 -0.09 -5.68
CA GLY A 414 -3.55 -0.10 -4.48
C GLY A 414 -2.20 -0.77 -4.59
N VAL A 415 -1.88 -1.36 -5.75
CA VAL A 415 -0.64 -2.11 -5.89
C VAL A 415 0.60 -1.24 -5.69
N ASP A 416 0.46 0.06 -5.94
CA ASP A 416 1.58 0.99 -5.82
C ASP A 416 2.23 1.00 -4.43
N GLU A 417 1.45 0.80 -3.38
CA GLU A 417 2.01 0.81 -2.04
C GLU A 417 2.35 -0.56 -1.49
N MET A 418 2.09 -1.62 -2.25
CA MET A 418 2.31 -3.00 -1.76
C MET A 418 3.72 -3.54 -1.94
N ILE A 419 4.43 -3.03 -2.95
CA ILE A 419 5.66 -3.65 -3.41
C ILE A 419 6.88 -3.51 -2.54
N GLN A 420 7.07 -2.35 -1.94
CA GLN A 420 8.29 -2.06 -1.17
C GLN A 420 8.66 -3.11 -0.14
N GLY A 421 7.69 -3.54 0.65
CA GLY A 421 7.94 -4.55 1.68
C GLY A 421 8.41 -5.86 1.09
N PHE A 422 7.76 -6.27 0.00
CA PHE A 422 8.14 -7.52 -0.66
C PHE A 422 9.52 -7.43 -1.23
N ALA A 423 9.94 -6.23 -1.63
CA ALA A 423 11.28 -6.02 -2.16
C ALA A 423 12.34 -6.30 -1.09
N VAL A 424 12.03 -6.00 0.18
CA VAL A 424 12.97 -6.32 1.27
C VAL A 424 13.13 -7.85 1.36
N ALA A 425 11.99 -8.55 1.31
CA ALA A 425 11.99 -10.02 1.44
C ALA A 425 12.75 -10.68 0.28
N ILE A 426 12.56 -10.17 -0.92
CA ILE A 426 13.25 -10.69 -2.10
C ILE A 426 14.76 -10.43 -2.01
N LYS A 427 15.15 -9.25 -1.51
CA LYS A 427 16.57 -8.95 -1.36
C LYS A 427 17.21 -9.91 -0.33
N MET A 428 16.41 -10.36 0.65
CA MET A 428 16.85 -11.36 1.65
C MET A 428 16.81 -12.82 1.13
N GLY A 429 16.35 -13.02 -0.10
CA GLY A 429 16.32 -14.37 -0.68
C GLY A 429 15.05 -15.17 -0.37
N ALA A 430 13.93 -14.47 -0.26
CA ALA A 430 12.67 -15.15 0.06
C ALA A 430 12.30 -16.28 -0.90
N THR A 431 11.71 -17.32 -0.32
CA THR A 431 11.15 -18.44 -1.08
C THR A 431 9.63 -18.44 -0.89
N LYS A 432 8.95 -19.29 -1.66
CA LYS A 432 7.52 -19.47 -1.49
C LYS A 432 7.21 -19.87 -0.03
N ALA A 433 8.05 -20.70 0.57
CA ALA A 433 7.86 -21.09 1.98
C ALA A 433 7.81 -19.88 2.91
N ASP A 434 8.73 -18.93 2.70
CA ASP A 434 8.74 -17.69 3.51
C ASP A 434 7.42 -16.89 3.37
N PHE A 435 6.89 -16.83 2.17
CA PHE A 435 5.61 -16.20 1.94
C PHE A 435 4.48 -16.99 2.64
N ASP A 436 4.50 -18.32 2.54
CA ASP A 436 3.50 -19.18 3.19
C ASP A 436 3.54 -19.05 4.71
N ASN A 437 4.72 -18.80 5.26
CA ASN A 437 4.91 -18.64 6.71
C ASN A 437 4.38 -17.30 7.23
N THR A 438 4.01 -16.40 6.35
CA THR A 438 3.54 -15.07 6.74
C THR A 438 2.02 -15.02 6.79
N VAL A 439 1.48 -14.56 7.93
CA VAL A 439 0.04 -14.47 8.09
C VAL A 439 -0.49 -13.26 7.31
N ALA A 440 -1.58 -13.51 6.60
CA ALA A 440 -2.25 -12.50 5.81
C ALA A 440 -2.86 -11.38 6.66
N ILE A 441 -3.00 -10.21 6.03
CA ILE A 441 -3.68 -9.06 6.59
C ILE A 441 -4.98 -8.93 5.77
N HIS A 442 -6.12 -9.06 6.44
CA HIS A 442 -7.44 -9.06 5.80
C HIS A 442 -8.30 -7.93 6.34
N PRO A 443 -9.09 -7.25 5.50
CA PRO A 443 -9.16 -7.46 4.05
C PRO A 443 -8.29 -6.41 3.35
N THR A 444 -7.34 -6.88 2.54
CA THR A 444 -6.48 -6.02 1.76
C THR A 444 -6.28 -6.67 0.42
N GLY A 445 -5.78 -5.88 -0.54
CA GLY A 445 -5.35 -6.50 -1.79
C GLY A 445 -4.03 -7.24 -1.56
N SER A 446 -3.15 -6.68 -0.72
CA SER A 446 -1.81 -7.21 -0.52
C SER A 446 -1.77 -8.64 0.01
N GLU A 447 -2.79 -9.06 0.76
CA GLU A 447 -2.80 -10.45 1.26
C GLU A 447 -2.77 -11.49 0.15
N GLU A 448 -3.25 -11.15 -1.05
CA GLU A 448 -3.28 -12.11 -2.17
C GLU A 448 -1.89 -12.55 -2.56
N PHE A 449 -0.88 -11.71 -2.28
CA PHE A 449 0.50 -12.15 -2.54
C PHE A 449 1.00 -13.28 -1.64
N VAL A 450 0.45 -13.41 -0.43
CA VAL A 450 0.89 -14.46 0.51
C VAL A 450 -0.10 -15.62 0.68
N THR A 451 -1.17 -15.62 -0.09
CA THR A 451 -2.16 -16.70 -0.02
C THR A 451 -2.31 -17.48 -1.32
N MET A 452 -1.35 -17.41 -2.22
CA MET A 452 -1.45 -18.17 -3.46
C MET A 452 -1.07 -19.62 -3.16
N ARG A 453 -1.68 -20.57 -3.86
CA ARG A 453 -1.35 -21.99 -3.64
C ARG A 453 -1.31 -22.75 -4.95
N ALA B 3 -33.73 -43.32 16.05
CA ALA B 3 -32.63 -42.70 15.25
C ALA B 3 -31.29 -42.76 16.02
N MET B 4 -30.40 -43.63 15.56
N MET B 4 -30.40 -43.66 15.62
CA MET B 4 -29.10 -43.79 16.18
CA MET B 4 -29.12 -43.80 16.31
C MET B 4 -28.23 -42.55 16.00
C MET B 4 -28.20 -42.61 15.99
N THR B 5 -27.23 -42.43 16.85
CA THR B 5 -26.26 -41.34 16.76
C THR B 5 -25.45 -41.51 15.49
N LYS B 6 -25.31 -40.44 14.73
CA LYS B 6 -24.57 -40.46 13.48
C LYS B 6 -23.08 -40.30 13.79
N GLN B 7 -22.26 -41.11 13.11
CA GLN B 7 -20.82 -41.17 13.32
C GLN B 7 -20.05 -40.37 12.28
N TYR B 8 -19.14 -39.52 12.73
CA TYR B 8 -18.29 -38.69 11.88
C TYR B 8 -16.84 -38.81 12.36
N ASP B 9 -15.91 -38.43 11.49
CA ASP B 9 -14.50 -38.33 11.86
C ASP B 9 -14.27 -36.97 12.55
N TYR B 10 -15.00 -35.95 12.10
CA TYR B 10 -14.79 -34.59 12.56
C TYR B 10 -16.07 -33.79 12.58
N ILE B 11 -16.35 -33.18 13.72
CA ILE B 11 -17.47 -32.25 13.89
C ILE B 11 -16.88 -30.88 14.17
N VAL B 12 -17.33 -29.89 13.41
CA VAL B 12 -16.91 -28.50 13.57
C VAL B 12 -18.14 -27.68 14.04
N ILE B 13 -18.02 -27.08 15.22
CA ILE B 13 -19.08 -26.24 15.74
C ILE B 13 -18.68 -24.79 15.41
N GLY B 14 -19.41 -24.20 14.46
CA GLY B 14 -19.15 -22.84 14.00
C GLY B 14 -18.76 -22.78 12.54
N GLY B 15 -19.49 -21.98 11.78
CA GLY B 15 -19.25 -21.77 10.36
C GLY B 15 -18.70 -20.40 10.03
N GLY B 16 -17.78 -19.94 10.87
CA GLY B 16 -17.05 -18.72 10.65
C GLY B 16 -15.71 -19.01 10.02
N SER B 17 -14.81 -18.04 10.11
CA SER B 17 -13.49 -18.15 9.49
C SER B 17 -12.72 -19.40 9.90
N GLY B 18 -12.66 -19.65 11.21
CA GLY B 18 -11.95 -20.81 11.71
C GLY B 18 -12.58 -22.14 11.36
N GLY B 19 -13.87 -22.25 11.59
CA GLY B 19 -14.59 -23.52 11.36
C GLY B 19 -14.60 -23.90 9.89
N ILE B 20 -14.90 -22.94 9.03
CA ILE B 20 -14.90 -23.20 7.58
C ILE B 20 -13.54 -23.68 7.11
N ALA B 21 -12.49 -22.96 7.51
CA ALA B 21 -11.16 -23.32 7.07
C ALA B 21 -10.77 -24.72 7.51
N SER B 22 -11.06 -25.03 8.75
CA SER B 22 -10.69 -26.34 9.30
C SER B 22 -11.51 -27.47 8.68
N ALA B 23 -12.81 -27.24 8.51
CA ALA B 23 -13.68 -28.26 7.94
C ALA B 23 -13.27 -28.63 6.51
N ASN B 24 -13.07 -27.59 5.69
CA ASN B 24 -12.66 -27.77 4.29
C ASN B 24 -11.32 -28.51 4.17
N ARG B 25 -10.35 -28.14 5.01
CA ARG B 25 -9.04 -28.77 4.91
C ARG B 25 -9.10 -30.23 5.39
N ALA B 26 -9.90 -30.50 6.40
CA ALA B 26 -10.08 -31.85 6.90
C ALA B 26 -10.71 -32.72 5.78
N ALA B 27 -11.71 -32.17 5.10
CA ALA B 27 -12.38 -32.91 4.02
C ALA B 27 -11.42 -33.18 2.85
N MET B 28 -10.52 -32.25 2.57
N MET B 28 -10.53 -32.24 2.56
CA MET B 28 -9.52 -32.43 1.52
CA MET B 28 -9.52 -32.43 1.52
C MET B 28 -8.57 -33.59 1.80
C MET B 28 -8.60 -33.61 1.80
N HIS B 29 -8.40 -33.92 3.08
CA HIS B 29 -7.57 -35.04 3.50
C HIS B 29 -8.37 -36.29 3.87
N GLY B 30 -9.59 -36.38 3.36
CA GLY B 30 -10.39 -37.60 3.48
C GLY B 30 -11.26 -37.78 4.70
N ALA B 31 -11.28 -36.81 5.60
CA ALA B 31 -12.11 -36.91 6.79
C ALA B 31 -13.59 -36.80 6.44
N LYS B 32 -14.43 -37.57 7.12
CA LYS B 32 -15.88 -37.44 7.02
C LYS B 32 -16.24 -36.32 8.02
N VAL B 33 -16.54 -35.13 7.49
CA VAL B 33 -16.71 -33.92 8.29
C VAL B 33 -18.12 -33.39 8.22
N ILE B 34 -18.64 -32.92 9.36
CA ILE B 34 -19.90 -32.21 9.41
C ILE B 34 -19.67 -30.90 10.17
N LEU B 35 -20.22 -29.83 9.64
CA LEU B 35 -20.11 -28.49 10.24
C LEU B 35 -21.49 -27.93 10.59
N PHE B 36 -21.59 -27.34 11.78
CA PHE B 36 -22.83 -26.76 12.28
C PHE B 36 -22.70 -25.25 12.45
N GLU B 37 -23.72 -24.53 11.98
CA GLU B 37 -23.76 -23.07 12.04
C GLU B 37 -25.16 -22.62 12.37
N GLY B 38 -25.31 -21.96 13.51
CA GLY B 38 -26.65 -21.55 13.96
C GLY B 38 -27.18 -20.27 13.36
N LYS B 39 -26.33 -19.51 12.69
CA LYS B 39 -26.74 -18.26 12.08
C LYS B 39 -26.35 -18.27 10.59
N GLN B 40 -25.55 -17.30 10.12
CA GLN B 40 -25.22 -17.23 8.71
C GLN B 40 -23.84 -17.81 8.42
N VAL B 41 -23.70 -18.51 7.30
CA VAL B 41 -22.40 -19.04 6.91
C VAL B 41 -21.43 -17.85 6.72
N GLY B 42 -20.17 -18.03 7.10
CA GLY B 42 -19.16 -16.98 6.99
C GLY B 42 -18.83 -16.32 8.32
N GLY B 43 -19.75 -16.45 9.28
CA GLY B 43 -19.52 -15.92 10.61
C GLY B 43 -19.38 -14.41 10.67
N THR B 44 -18.58 -13.96 11.63
CA THR B 44 -18.46 -12.55 11.92
C THR B 44 -17.78 -11.76 10.81
N CYS B 45 -16.67 -12.25 10.28
N CYS B 45 -16.66 -12.29 10.30
CA CYS B 45 -15.93 -11.46 9.30
CA CYS B 45 -15.87 -11.67 9.22
C CYS B 45 -16.70 -11.15 8.01
C CYS B 45 -16.75 -11.18 8.09
N VAL B 46 -17.39 -12.16 7.49
CA VAL B 46 -18.19 -11.99 6.29
C VAL B 46 -19.46 -11.18 6.49
N ASN B 47 -20.16 -11.38 7.61
CA ASN B 47 -21.50 -10.80 7.78
C ASN B 47 -21.58 -9.53 8.58
N VAL B 48 -20.74 -9.40 9.63
CA VAL B 48 -20.82 -8.24 10.52
C VAL B 48 -19.42 -7.85 11.00
N GLY B 49 -18.41 -8.04 10.15
CA GLY B 49 -17.05 -7.76 10.53
C GLY B 49 -16.21 -7.15 9.43
N CYS B 50 -15.07 -7.77 9.13
N CYS B 50 -15.07 -7.79 9.15
CA CYS B 50 -14.09 -7.23 8.17
CA CYS B 50 -14.07 -7.35 8.14
C CYS B 50 -14.69 -6.83 6.81
C CYS B 50 -14.68 -6.85 6.83
N VAL B 51 -15.50 -7.69 6.22
CA VAL B 51 -16.03 -7.40 4.88
C VAL B 51 -16.96 -6.19 4.80
N PRO B 52 -18.08 -6.19 5.54
CA PRO B 52 -18.93 -5.00 5.42
C PRO B 52 -18.23 -3.75 5.94
N LYS B 53 -17.37 -3.90 6.96
CA LYS B 53 -16.58 -2.78 7.46
C LYS B 53 -15.72 -2.15 6.36
N LYS B 54 -15.05 -2.97 5.58
CA LYS B 54 -14.16 -2.47 4.53
C LYS B 54 -14.89 -1.78 3.39
N VAL B 55 -16.04 -2.32 3.00
CA VAL B 55 -16.86 -1.64 1.99
C VAL B 55 -17.28 -0.25 2.47
N MET B 56 -17.67 -0.18 3.74
N MET B 56 -17.68 -0.15 3.75
CA MET B 56 -18.07 1.09 4.35
CA MET B 56 -18.07 1.14 4.29
C MET B 56 -16.88 2.06 4.41
C MET B 56 -16.87 2.08 4.39
N TRP B 57 -15.69 1.53 4.67
CA TRP B 57 -14.47 2.35 4.74
C TRP B 57 -14.15 2.93 3.37
N TYR B 58 -14.37 2.13 2.31
CA TYR B 58 -14.19 2.67 0.97
C TYR B 58 -15.18 3.80 0.69
N GLY B 59 -16.42 3.65 1.17
CA GLY B 59 -17.42 4.69 0.99
C GLY B 59 -16.96 5.96 1.70
N ALA B 60 -16.36 5.78 2.89
CA ALA B 60 -15.83 6.92 3.64
C ALA B 60 -14.67 7.59 2.88
N GLN B 61 -13.83 6.79 2.22
CA GLN B 61 -12.73 7.35 1.42
C GLN B 61 -13.26 8.16 0.24
N VAL B 62 -14.33 7.68 -0.39
CA VAL B 62 -14.99 8.44 -1.48
C VAL B 62 -15.49 9.79 -0.92
N ALA B 63 -16.14 9.76 0.24
CA ALA B 63 -16.65 10.97 0.87
C ALA B 63 -15.52 11.97 1.12
N GLU B 64 -14.41 11.46 1.64
CA GLU B 64 -13.26 12.29 1.91
C GLU B 64 -12.73 12.92 0.67
N THR B 65 -12.66 12.14 -0.42
CA THR B 65 -12.21 12.69 -1.70
C THR B 65 -13.11 13.85 -2.13
N ILE B 66 -14.42 13.64 -2.09
CA ILE B 66 -15.38 14.66 -2.52
C ILE B 66 -15.35 15.88 -1.63
N ASN B 67 -15.39 15.64 -0.33
CA ASN B 67 -15.54 16.73 0.64
C ASN B 67 -14.25 17.44 1.00
N ASN B 68 -13.13 16.70 1.05
CA ASN B 68 -11.88 17.29 1.56
C ASN B 68 -10.79 17.59 0.54
N TYR B 69 -10.67 16.78 -0.51
CA TYR B 69 -9.51 16.92 -1.39
C TYR B 69 -9.78 17.39 -2.82
N ALA B 70 -10.97 17.11 -3.34
CA ALA B 70 -11.27 17.37 -4.75
C ALA B 70 -11.03 18.81 -5.22
N ALA B 71 -11.46 19.77 -4.41
CA ALA B 71 -11.32 21.18 -4.77
C ALA B 71 -9.89 21.59 -5.02
N ASP B 72 -8.96 21.06 -4.22
CA ASP B 72 -7.56 21.42 -4.37
C ASP B 72 -6.88 20.72 -5.54
N TYR B 73 -7.55 19.71 -6.09
CA TYR B 73 -7.12 19.09 -7.34
C TYR B 73 -7.81 19.71 -8.54
N GLY B 74 -8.54 20.81 -8.30
CA GLY B 74 -9.22 21.57 -9.32
C GLY B 74 -10.68 21.20 -9.64
N PHE B 75 -11.24 20.26 -8.87
CA PHE B 75 -12.60 19.78 -9.12
C PHE B 75 -13.59 20.47 -8.18
N ASP B 76 -14.42 21.34 -8.74
N ASP B 76 -14.44 21.31 -8.76
CA ASP B 76 -15.49 22.00 -7.98
CA ASP B 76 -15.50 21.99 -8.04
C ASP B 76 -16.70 21.09 -8.11
C ASP B 76 -16.71 21.07 -8.12
N VAL B 77 -16.96 20.31 -7.06
CA VAL B 77 -18.04 19.33 -7.06
C VAL B 77 -19.08 19.62 -6.01
N THR B 78 -20.34 19.37 -6.35
CA THR B 78 -21.45 19.50 -5.43
C THR B 78 -22.13 18.13 -5.27
N THR B 79 -22.54 17.81 -4.06
CA THR B 79 -23.25 16.57 -3.77
C THR B 79 -24.74 16.87 -3.72
N GLN B 80 -25.50 16.35 -4.68
CA GLN B 80 -26.96 16.54 -4.69
C GLN B 80 -27.62 15.70 -3.62
N ALA B 81 -27.06 14.52 -3.37
CA ALA B 81 -27.63 13.60 -2.38
C ALA B 81 -26.68 12.45 -2.04
N PHE B 82 -26.87 11.89 -0.84
CA PHE B 82 -26.17 10.69 -0.42
C PHE B 82 -27.23 9.63 -0.10
N HIS B 83 -27.17 8.51 -0.82
CA HIS B 83 -28.12 7.42 -0.70
C HIS B 83 -27.45 6.23 -0.06
N PHE B 84 -27.53 6.16 1.26
CA PHE B 84 -26.91 5.08 1.99
C PHE B 84 -27.40 3.70 1.56
N ASP B 85 -28.69 3.62 1.18
N ASP B 85 -28.67 3.59 1.16
CA ASP B 85 -29.31 2.39 0.68
CA ASP B 85 -29.19 2.28 0.76
C ASP B 85 -28.57 1.78 -0.52
C ASP B 85 -28.52 1.74 -0.50
N VAL B 86 -28.02 2.62 -1.38
CA VAL B 86 -27.28 2.17 -2.56
C VAL B 86 -26.00 1.48 -2.11
N LEU B 87 -25.31 2.13 -1.18
N LEU B 87 -25.29 2.10 -1.17
CA LEU B 87 -24.10 1.59 -0.60
CA LEU B 87 -24.07 1.51 -0.65
C LEU B 87 -24.39 0.23 0.07
C LEU B 87 -24.38 0.21 0.08
N LYS B 88 -25.44 0.21 0.88
CA LYS B 88 -25.80 -1.01 1.63
C LYS B 88 -26.21 -2.18 0.72
N GLN B 89 -26.94 -1.89 -0.34
CA GLN B 89 -27.34 -2.94 -1.27
C GLN B 89 -26.15 -3.54 -1.99
N ASN B 90 -25.20 -2.69 -2.39
CA ASN B 90 -23.98 -3.19 -3.06
C ASN B 90 -23.11 -3.97 -2.07
N ARG B 91 -23.09 -3.53 -0.82
CA ARG B 91 -22.36 -4.23 0.23
C ARG B 91 -22.95 -5.64 0.45
N GLN B 92 -24.29 -5.72 0.54
CA GLN B 92 -24.96 -6.98 0.78
C GLN B 92 -24.82 -7.95 -0.41
N ALA B 93 -24.84 -7.42 -1.63
CA ALA B 93 -24.67 -8.26 -2.83
C ALA B 93 -23.31 -8.94 -2.79
N TYR B 94 -22.30 -8.17 -2.40
CA TYR B 94 -20.93 -8.67 -2.32
C TYR B 94 -20.84 -9.81 -1.32
N ILE B 95 -21.49 -9.61 -0.17
CA ILE B 95 -21.53 -10.62 0.89
C ILE B 95 -22.29 -11.88 0.46
N ASP B 96 -23.40 -11.68 -0.23
CA ASP B 96 -24.20 -12.82 -0.72
C ASP B 96 -23.39 -13.70 -1.67
N ARG B 97 -22.54 -13.09 -2.50
CA ARG B 97 -21.68 -13.86 -3.40
C ARG B 97 -20.68 -14.74 -2.61
N ILE B 98 -20.19 -14.22 -1.49
CA ILE B 98 -19.31 -15.00 -0.63
C ILE B 98 -20.07 -16.20 -0.06
N HIS B 99 -21.30 -15.97 0.38
CA HIS B 99 -22.14 -17.06 0.89
C HIS B 99 -22.23 -18.18 -0.12
N ASP B 100 -22.65 -17.80 -1.33
CA ASP B 100 -22.83 -18.77 -2.39
C ASP B 100 -21.56 -19.55 -2.66
N SER B 101 -20.42 -18.87 -2.67
CA SER B 101 -19.15 -19.51 -2.92
C SER B 101 -18.79 -20.52 -1.82
N TYR B 102 -19.12 -20.21 -0.57
CA TYR B 102 -18.88 -21.17 0.52
C TYR B 102 -19.69 -22.43 0.36
N GLU B 103 -20.97 -22.31 0.00
CA GLU B 103 -21.83 -23.48 -0.16
C GLU B 103 -21.34 -24.36 -1.31
N ARG B 104 -20.97 -23.73 -2.42
CA ARG B 104 -20.43 -24.50 -3.56
C ARG B 104 -19.16 -25.25 -3.15
N GLY B 105 -18.32 -24.57 -2.37
CA GLY B 105 -17.09 -25.15 -1.84
C GLY B 105 -17.34 -26.34 -0.92
N PHE B 106 -18.31 -26.23 -0.01
CA PHE B 106 -18.63 -27.36 0.84
C PHE B 106 -19.04 -28.56 0.02
N ASP B 107 -19.90 -28.33 -0.97
CA ASP B 107 -20.34 -29.41 -1.84
C ASP B 107 -19.18 -30.06 -2.59
N SER B 108 -18.29 -29.23 -3.12
N SER B 108 -18.27 -29.26 -3.13
CA SER B 108 -17.13 -29.72 -3.88
CA SER B 108 -17.15 -29.81 -3.91
C SER B 108 -16.18 -30.52 -3.00
C SER B 108 -16.08 -30.48 -3.04
N ASN B 109 -15.91 -29.99 -1.81
CA ASN B 109 -14.95 -30.58 -0.88
C ASN B 109 -15.50 -31.77 -0.10
N GLY B 110 -16.81 -31.93 -0.08
CA GLY B 110 -17.45 -33.04 0.63
C GLY B 110 -17.73 -32.73 2.11
N VAL B 111 -17.90 -31.47 2.47
CA VAL B 111 -18.21 -31.10 3.86
C VAL B 111 -19.73 -31.11 3.99
N GLU B 112 -20.24 -31.89 4.94
CA GLU B 112 -21.65 -31.87 5.25
C GLU B 112 -21.90 -30.72 6.20
N ARG B 113 -23.04 -30.07 6.08
CA ARG B 113 -23.37 -29.01 7.04
C ARG B 113 -24.85 -28.96 7.34
N VAL B 114 -25.17 -28.58 8.58
CA VAL B 114 -26.54 -28.39 8.99
C VAL B 114 -26.60 -27.00 9.60
N TYR B 115 -27.53 -26.18 9.11
CA TYR B 115 -27.70 -24.84 9.63
C TYR B 115 -28.59 -24.91 10.85
N GLY B 116 -27.97 -25.24 11.98
CA GLY B 116 -28.66 -25.35 13.25
C GLY B 116 -27.64 -25.19 14.36
N TYR B 117 -28.14 -24.82 15.53
CA TYR B 117 -27.31 -24.61 16.69
C TYR B 117 -26.98 -25.97 17.34
N ALA B 118 -25.70 -26.22 17.61
CA ALA B 118 -25.26 -27.47 18.24
C ALA B 118 -25.11 -27.29 19.75
N THR B 119 -25.64 -28.27 20.49
CA THR B 119 -25.53 -28.30 21.94
C THR B 119 -24.88 -29.63 22.37
N PHE B 120 -23.90 -29.58 23.27
CA PHE B 120 -23.25 -30.80 23.74
C PHE B 120 -24.23 -31.69 24.55
N VAL B 121 -24.06 -33.00 24.37
CA VAL B 121 -24.79 -34.06 25.07
C VAL B 121 -23.80 -34.66 26.06
N ASP B 122 -22.61 -34.92 25.58
CA ASP B 122 -21.48 -35.39 26.40
C ASP B 122 -20.21 -34.87 25.72
N ALA B 123 -19.05 -35.23 26.23
CA ALA B 123 -17.80 -34.68 25.69
C ALA B 123 -17.55 -34.93 24.20
N HIS B 124 -18.14 -36.00 23.65
CA HIS B 124 -17.90 -36.33 22.24
C HIS B 124 -19.14 -36.38 21.38
N THR B 125 -20.23 -35.78 21.85
CA THR B 125 -21.52 -35.88 21.20
C THR B 125 -22.30 -34.56 21.25
N VAL B 126 -22.84 -34.14 20.11
CA VAL B 126 -23.67 -32.94 20.05
C VAL B 126 -25.04 -33.28 19.49
N GLU B 127 -25.99 -32.38 19.78
CA GLU B 127 -27.38 -32.46 19.34
C GLU B 127 -27.67 -31.24 18.48
N VAL B 128 -28.27 -31.46 17.33
CA VAL B 128 -28.64 -30.41 16.41
C VAL B 128 -29.97 -30.80 15.78
N ALA B 129 -30.98 -29.94 15.94
CA ALA B 129 -32.31 -30.19 15.38
C ALA B 129 -32.84 -31.58 15.75
N GLY B 130 -32.61 -31.98 17.00
CA GLY B 130 -33.07 -33.27 17.51
C GLY B 130 -32.21 -34.50 17.23
N GLU B 131 -31.26 -34.42 16.30
CA GLU B 131 -30.41 -35.57 15.95
C GLU B 131 -29.11 -35.51 16.74
N HIS B 132 -28.53 -36.67 17.04
CA HIS B 132 -27.26 -36.72 17.77
C HIS B 132 -26.12 -37.06 16.80
N TYR B 133 -24.95 -36.45 17.04
CA TYR B 133 -23.77 -36.63 16.19
C TYR B 133 -22.55 -36.84 17.07
N THR B 134 -21.70 -37.79 16.71
CA THR B 134 -20.50 -38.07 17.50
C THR B 134 -19.26 -38.17 16.61
N ALA B 135 -18.12 -37.79 17.17
CA ALA B 135 -16.85 -37.90 16.50
C ALA B 135 -15.72 -37.89 17.51
N PRO B 136 -14.62 -38.55 17.18
CA PRO B 136 -13.43 -38.53 18.05
C PRO B 136 -12.67 -37.21 17.99
N HIS B 137 -13.07 -36.33 17.07
CA HIS B 137 -12.44 -35.00 16.93
C HIS B 137 -13.57 -33.97 16.79
N ILE B 138 -13.63 -33.03 17.74
CA ILE B 138 -14.65 -31.97 17.71
C ILE B 138 -13.97 -30.61 17.90
N LEU B 139 -14.16 -29.72 16.94
CA LEU B 139 -13.59 -28.39 16.97
C LEU B 139 -14.65 -27.41 17.45
N ILE B 140 -14.33 -26.68 18.51
CA ILE B 140 -15.17 -25.60 19.02
C ILE B 140 -14.59 -24.31 18.41
N ALA B 141 -15.27 -23.75 17.42
CA ALA B 141 -14.85 -22.53 16.71
C ALA B 141 -16.03 -21.58 16.72
N THR B 142 -16.50 -21.31 17.93
CA THR B 142 -17.75 -20.58 18.14
C THR B 142 -17.66 -19.07 18.15
N GLY B 143 -16.45 -18.52 18.06
CA GLY B 143 -16.28 -17.06 17.99
C GLY B 143 -16.56 -16.35 19.30
N GLY B 144 -16.85 -15.06 19.15
CA GLY B 144 -17.12 -14.21 20.29
C GLY B 144 -18.32 -13.34 20.05
N HIS B 145 -18.58 -12.45 21.00
CA HIS B 145 -19.72 -11.56 20.93
C HIS B 145 -19.38 -10.24 21.60
N ALA B 146 -20.09 -9.19 21.19
CA ALA B 146 -19.91 -7.87 21.77
C ALA B 146 -20.42 -7.77 23.20
N LEU B 147 -19.69 -7.06 24.03
CA LEU B 147 -20.08 -6.84 25.42
C LEU B 147 -20.94 -5.60 25.55
N LEU B 148 -21.82 -5.62 26.54
CA LEU B 148 -22.70 -4.48 26.84
C LEU B 148 -22.43 -4.06 28.27
N PRO B 149 -22.40 -2.74 28.53
CA PRO B 149 -22.15 -2.31 29.91
C PRO B 149 -23.34 -2.58 30.81
N ASP B 150 -23.06 -2.83 32.09
CA ASP B 150 -24.13 -3.10 33.05
C ASP B 150 -24.54 -1.78 33.69
N ILE B 151 -25.28 -0.99 32.92
CA ILE B 151 -25.75 0.32 33.40
C ILE B 151 -27.20 0.52 32.99
N PRO B 152 -27.91 1.41 33.69
CA PRO B 152 -29.28 1.71 33.28
C PRO B 152 -29.32 2.24 31.85
N GLY B 153 -30.23 1.70 31.05
CA GLY B 153 -30.34 2.12 29.66
C GLY B 153 -29.39 1.50 28.66
N SER B 154 -28.59 0.51 29.08
N SER B 154 -28.60 0.53 29.09
CA SER B 154 -27.65 -0.16 28.19
CA SER B 154 -27.67 -0.15 28.23
C SER B 154 -28.36 -0.71 26.96
C SER B 154 -28.36 -0.71 26.97
N GLU B 155 -29.58 -1.22 27.17
CA GLU B 155 -30.38 -1.80 26.07
C GLU B 155 -30.74 -0.84 24.92
N TYR B 156 -30.64 0.46 25.16
CA TYR B 156 -30.92 1.43 24.09
C TYR B 156 -29.78 1.55 23.08
N GLY B 157 -28.60 1.07 23.44
CA GLY B 157 -27.47 1.10 22.57
C GLY B 157 -27.48 -0.12 21.68
N ILE B 158 -26.78 -0.03 20.57
CA ILE B 158 -26.58 -1.17 19.68
C ILE B 158 -25.09 -1.53 19.73
N THR B 159 -24.71 -2.63 19.07
CA THR B 159 -23.31 -3.02 18.97
C THR B 159 -22.92 -2.93 17.51
N SER B 160 -21.71 -3.39 17.20
CA SER B 160 -21.26 -3.40 15.80
C SER B 160 -22.21 -4.20 14.88
N ASP B 161 -22.88 -5.23 15.39
CA ASP B 161 -23.90 -5.93 14.57
C ASP B 161 -24.99 -4.94 14.12
N GLY B 162 -25.46 -4.14 15.08
CA GLY B 162 -26.47 -3.13 14.81
C GLY B 162 -26.02 -2.07 13.86
N PHE B 163 -24.73 -1.73 13.93
CA PHE B 163 -24.15 -0.76 13.02
C PHE B 163 -24.37 -1.24 11.56
N PHE B 164 -24.16 -2.52 11.31
CA PHE B 164 -24.39 -3.07 9.96
C PHE B 164 -25.87 -3.23 9.61
N GLU B 165 -26.74 -3.23 10.63
CA GLU B 165 -28.19 -3.28 10.38
C GLU B 165 -28.74 -1.89 10.03
N LEU B 166 -27.99 -0.84 10.33
CA LEU B 166 -28.46 0.52 10.01
C LEU B 166 -28.75 0.65 8.52
N ASP B 167 -29.83 1.37 8.22
CA ASP B 167 -30.25 1.66 6.84
C ASP B 167 -30.02 3.13 6.45
N ALA B 168 -29.48 3.91 7.38
CA ALA B 168 -29.16 5.31 7.14
C ALA B 168 -28.11 5.75 8.14
N ILE B 169 -27.36 6.78 7.79
CA ILE B 169 -26.38 7.33 8.70
C ILE B 169 -27.13 8.16 9.74
N PRO B 170 -26.95 7.88 11.04
CA PRO B 170 -27.68 8.70 12.01
C PRO B 170 -27.16 10.14 11.99
N LYS B 171 -28.03 11.11 12.27
CA LYS B 171 -27.59 12.49 12.29
C LYS B 171 -26.50 12.70 13.33
N ARG B 172 -26.69 12.07 14.49
CA ARG B 172 -25.75 12.18 15.62
C ARG B 172 -25.51 10.76 16.17
N THR B 173 -24.24 10.40 16.35
CA THR B 173 -23.87 9.09 16.85
C THR B 173 -22.84 9.16 17.98
N ALA B 174 -23.08 8.38 19.03
CA ALA B 174 -22.11 8.18 20.09
C ALA B 174 -21.50 6.78 19.88
N VAL B 175 -20.17 6.68 19.94
CA VAL B 175 -19.47 5.40 19.84
C VAL B 175 -18.66 5.30 21.12
N VAL B 176 -18.91 4.24 21.91
CA VAL B 176 -18.28 4.06 23.20
C VAL B 176 -17.27 2.92 23.17
N GLY B 177 -16.02 3.24 23.40
CA GLY B 177 -14.96 2.24 23.43
C GLY B 177 -13.64 2.79 22.95
N ALA B 178 -12.57 2.03 23.19
CA ALA B 178 -11.21 2.51 22.88
C ALA B 178 -10.39 1.59 22.02
N GLY B 179 -11.01 0.53 21.51
CA GLY B 179 -10.32 -0.45 20.68
C GLY B 179 -10.47 -0.16 19.21
N TYR B 180 -9.96 -1.05 18.37
CA TYR B 180 -9.98 -0.84 16.94
C TYR B 180 -11.39 -0.72 16.35
N ILE B 181 -12.35 -1.49 16.87
CA ILE B 181 -13.71 -1.43 16.38
C ILE B 181 -14.33 -0.03 16.60
N ALA B 182 -14.15 0.51 17.79
CA ALA B 182 -14.69 1.85 18.11
C ALA B 182 -14.04 2.94 17.24
N VAL B 183 -12.74 2.83 17.08
CA VAL B 183 -12.01 3.80 16.27
C VAL B 183 -12.44 3.71 14.79
N GLU B 184 -12.56 2.51 14.25
CA GLU B 184 -12.96 2.33 12.85
C GLU B 184 -14.39 2.80 12.59
N ILE B 185 -15.31 2.37 13.43
CA ILE B 185 -16.72 2.75 13.27
C ILE B 185 -16.91 4.25 13.39
N SER B 186 -16.30 4.87 14.39
CA SER B 186 -16.47 6.32 14.59
C SER B 186 -15.85 7.09 13.42
N GLY B 187 -14.72 6.57 12.90
CA GLY B 187 -14.09 7.17 11.73
C GLY B 187 -15.00 7.14 10.50
N ILE B 188 -15.64 6.00 10.28
CA ILE B 188 -16.53 5.83 9.15
C ILE B 188 -17.76 6.73 9.28
N LEU B 189 -18.36 6.76 10.48
CA LEU B 189 -19.56 7.57 10.73
C LEU B 189 -19.27 9.05 10.51
N HIS B 190 -18.11 9.51 10.96
CA HIS B 190 -17.77 10.91 10.75
C HIS B 190 -17.60 11.23 9.25
N ALA B 191 -16.85 10.41 8.54
CA ALA B 191 -16.63 10.65 7.11
C ALA B 191 -17.95 10.66 6.32
N LEU B 192 -18.91 9.83 6.73
CA LEU B 192 -20.18 9.71 6.04
C LEU B 192 -21.22 10.72 6.52
N GLY B 193 -20.80 11.67 7.35
CA GLY B 193 -21.65 12.81 7.70
C GLY B 193 -22.32 12.88 9.06
N SER B 194 -22.14 11.87 9.91
CA SER B 194 -22.77 11.93 11.25
C SER B 194 -21.98 12.87 12.17
N GLU B 195 -22.68 13.59 13.04
CA GLU B 195 -22.02 14.32 14.15
C GLU B 195 -21.62 13.19 15.10
N THR B 196 -20.34 12.84 15.10
CA THR B 196 -19.86 11.65 15.78
C THR B 196 -18.99 11.94 17.01
N HIS B 197 -19.32 11.27 18.10
CA HIS B 197 -18.66 11.42 19.36
C HIS B 197 -18.08 10.08 19.79
N LEU B 198 -16.77 10.03 20.03
CA LEU B 198 -16.07 8.84 20.47
C LEU B 198 -15.69 9.01 21.93
N PHE B 199 -16.10 8.06 22.78
CA PHE B 199 -15.86 8.12 24.22
C PHE B 199 -14.93 7.04 24.71
N VAL B 200 -13.76 7.43 25.23
CA VAL B 200 -12.78 6.50 25.76
C VAL B 200 -12.67 6.69 27.28
N ARG B 201 -12.46 5.59 28.00
N ARG B 201 -12.47 5.58 28.01
CA ARG B 201 -12.44 5.61 29.47
CA ARG B 201 -12.42 5.61 29.47
C ARG B 201 -11.20 6.27 30.07
C ARG B 201 -11.21 6.33 30.04
N ARG B 202 -10.07 6.23 29.35
CA ARG B 202 -8.83 6.83 29.84
C ARG B 202 -8.33 7.96 28.96
N ASP B 203 -7.02 8.13 28.84
CA ASP B 203 -6.46 9.30 28.17
C ASP B 203 -6.48 9.30 26.66
N ARG B 204 -6.65 8.12 26.06
CA ARG B 204 -6.55 8.00 24.63
C ARG B 204 -7.10 6.65 24.14
N PRO B 205 -7.36 6.56 22.83
CA PRO B 205 -7.74 5.27 22.26
C PRO B 205 -6.53 4.39 22.03
N LEU B 206 -6.77 3.11 21.78
CA LEU B 206 -5.73 2.16 21.37
C LEU B 206 -4.50 2.22 22.27
N ARG B 207 -4.72 2.04 23.58
CA ARG B 207 -3.66 2.19 24.57
C ARG B 207 -2.49 1.22 24.44
N LYS B 208 -2.77 0.03 23.92
CA LYS B 208 -1.72 -0.98 23.74
C LYS B 208 -0.85 -0.74 22.50
N PHE B 209 -1.26 0.17 21.63
N PHE B 209 -1.26 0.21 21.66
CA PHE B 209 -0.47 0.50 20.44
CA PHE B 209 -0.51 0.53 20.47
C PHE B 209 0.58 1.54 20.75
C PHE B 209 0.61 1.52 20.79
N ASP B 210 1.61 1.57 19.91
CA ASP B 210 2.74 2.51 20.07
C ASP B 210 2.21 3.94 20.31
N LYS B 211 2.63 4.55 21.41
CA LYS B 211 2.12 5.88 21.78
C LYS B 211 2.34 7.01 20.78
N GLU B 212 3.47 7.00 20.09
N GLU B 212 3.48 6.98 20.08
CA GLU B 212 3.73 8.06 19.09
CA GLU B 212 3.80 7.99 19.08
C GLU B 212 2.82 7.90 17.87
C GLU B 212 2.82 7.89 17.89
N ILE B 213 2.54 6.66 17.48
CA ILE B 213 1.59 6.42 16.38
C ILE B 213 0.19 6.91 16.78
N VAL B 214 -0.23 6.60 18.00
CA VAL B 214 -1.54 7.02 18.48
C VAL B 214 -1.58 8.55 18.63
N GLY B 215 -0.45 9.16 18.93
CA GLY B 215 -0.40 10.62 19.01
C GLY B 215 -0.80 11.24 17.69
N THR B 216 -0.34 10.66 16.59
CA THR B 216 -0.72 11.15 15.26
C THR B 216 -2.20 10.92 15.01
N LEU B 217 -2.71 9.76 15.40
CA LEU B 217 -4.11 9.44 15.25
C LEU B 217 -4.97 10.50 15.95
N VAL B 218 -4.61 10.82 17.18
CA VAL B 218 -5.36 11.79 17.97
C VAL B 218 -5.31 13.18 17.34
N ASP B 219 -4.12 13.61 16.91
CA ASP B 219 -3.98 14.90 16.27
C ASP B 219 -4.83 14.98 14.99
N GLU B 220 -4.81 13.93 14.18
CA GLU B 220 -5.55 13.93 12.91
C GLU B 220 -7.07 13.84 13.15
N MET B 221 -7.46 13.13 14.20
N MET B 221 -7.49 13.08 14.17
CA MET B 221 -8.87 13.04 14.56
CA MET B 221 -8.90 13.00 14.55
C MET B 221 -9.38 14.43 15.00
C MET B 221 -9.40 14.39 14.96
N LYS B 222 -8.54 15.16 15.72
N LYS B 222 -8.59 15.11 15.71
CA LYS B 222 -8.92 16.53 16.15
CA LYS B 222 -8.96 16.48 16.12
C LYS B 222 -9.06 17.47 14.94
C LYS B 222 -9.17 17.34 14.88
N LYS B 223 -8.25 17.24 13.91
CA LYS B 223 -8.32 18.02 12.67
C LYS B 223 -9.54 17.67 11.79
N ASP B 224 -9.69 16.37 11.58
N ASP B 224 -9.87 16.40 11.54
CA ASP B 224 -10.68 15.80 10.74
CA ASP B 224 -11.07 16.11 10.70
C ASP B 224 -11.03 14.41 11.26
C ASP B 224 -11.72 14.73 10.88
N GLY B 225 -11.98 14.37 12.15
CA GLY B 225 -12.53 13.08 12.57
C GLY B 225 -13.59 13.29 13.61
N PRO B 226 -13.99 12.21 14.28
CA PRO B 226 -14.97 12.34 15.35
C PRO B 226 -14.45 13.19 16.50
N HIS B 227 -15.37 13.69 17.31
CA HIS B 227 -15.05 14.43 18.52
C HIS B 227 -14.61 13.38 19.52
N LEU B 228 -13.42 13.54 20.08
CA LEU B 228 -12.90 12.58 21.03
C LEU B 228 -13.12 13.10 22.46
N HIS B 229 -13.72 12.25 23.29
CA HIS B 229 -13.96 12.56 24.72
C HIS B 229 -13.21 11.53 25.55
N THR B 230 -12.30 12.01 26.38
CA THR B 230 -11.45 11.15 27.17
C THR B 230 -11.93 11.15 28.60
N PHE B 231 -11.42 10.20 29.39
CA PHE B 231 -11.82 10.00 30.78
C PHE B 231 -13.35 10.01 30.88
N SER B 232 -13.96 9.31 29.94
CA SER B 232 -15.41 9.33 29.76
C SER B 232 -15.98 7.96 30.04
N VAL B 233 -16.58 7.79 31.21
CA VAL B 233 -17.15 6.51 31.64
C VAL B 233 -18.69 6.61 31.65
N PRO B 234 -19.37 5.79 30.84
CA PRO B 234 -20.85 5.82 30.82
C PRO B 234 -21.47 5.46 32.18
N LYS B 235 -22.46 6.26 32.59
CA LYS B 235 -23.19 6.06 33.83
C LYS B 235 -24.59 5.54 33.52
N GLU B 236 -25.23 6.12 32.51
CA GLU B 236 -26.56 5.66 32.11
C GLU B 236 -26.93 6.25 30.77
N VAL B 237 -27.89 5.62 30.12
CA VAL B 237 -28.42 6.10 28.87
C VAL B 237 -29.91 6.30 29.07
N ILE B 238 -30.39 7.49 28.71
N ILE B 238 -30.39 7.50 28.72
CA ILE B 238 -31.78 7.87 28.83
CA ILE B 238 -31.80 7.83 28.83
C ILE B 238 -32.43 7.98 27.45
C ILE B 238 -32.39 7.88 27.43
N LYS B 239 -33.59 7.35 27.27
CA LYS B 239 -34.34 7.45 26.03
C LYS B 239 -35.34 8.59 26.22
N ASN B 240 -35.17 9.65 25.46
CA ASN B 240 -36.03 10.82 25.58
C ASN B 240 -37.35 10.59 24.86
N THR B 241 -38.32 11.48 25.09
CA THR B 241 -39.66 11.32 24.50
C THR B 241 -39.65 11.43 22.98
N ASP B 242 -38.67 12.14 22.42
CA ASP B 242 -38.54 12.29 20.97
C ASP B 242 -37.72 11.17 20.34
N ASN B 243 -37.42 10.14 21.13
CA ASN B 243 -36.66 8.94 20.72
C ASN B 243 -35.16 9.11 20.62
N SER B 244 -34.65 10.32 20.85
CA SER B 244 -33.21 10.52 20.94
C SER B 244 -32.72 9.84 22.22
N LEU B 245 -31.41 9.70 22.35
CA LEU B 245 -30.80 9.07 23.50
C LEU B 245 -29.84 10.04 24.12
N THR B 246 -29.86 10.15 25.45
CA THR B 246 -28.88 10.97 26.15
C THR B 246 -27.92 10.07 26.94
N LEU B 247 -26.63 10.15 26.59
CA LEU B 247 -25.59 9.45 27.30
C LEU B 247 -25.13 10.34 28.43
N ILE B 248 -25.19 9.83 29.65
CA ILE B 248 -24.74 10.52 30.84
C ILE B 248 -23.47 9.84 31.33
N LEU B 249 -22.41 10.62 31.47
CA LEU B 249 -21.12 10.11 31.95
C LEU B 249 -20.97 10.28 33.46
N GLU B 250 -20.04 9.52 34.05
N GLU B 250 -20.03 9.53 34.04
CA GLU B 250 -19.73 9.63 35.48
CA GLU B 250 -19.72 9.64 35.46
C GLU B 250 -19.22 11.02 35.85
C GLU B 250 -19.22 11.03 35.83
N ASN B 251 -18.65 11.74 34.87
CA ASN B 251 -18.12 13.11 35.13
C ASN B 251 -19.21 14.19 35.07
N GLY B 252 -20.43 13.78 34.76
CA GLY B 252 -21.54 14.72 34.73
C GLY B 252 -21.96 15.19 33.35
N GLU B 253 -21.09 15.06 32.34
N GLU B 253 -21.08 15.10 32.34
CA GLU B 253 -21.43 15.48 30.99
CA GLU B 253 -21.44 15.55 31.00
C GLU B 253 -22.57 14.65 30.42
C GLU B 253 -22.52 14.66 30.39
N GLU B 254 -23.34 15.29 29.55
CA GLU B 254 -24.45 14.63 28.88
C GLU B 254 -24.35 14.93 27.38
N TYR B 255 -24.59 13.91 26.55
CA TYR B 255 -24.56 14.03 25.10
C TYR B 255 -25.79 13.39 24.53
N THR B 256 -26.54 14.15 23.74
CA THR B 256 -27.77 13.64 23.14
C THR B 256 -27.48 13.27 21.71
N VAL B 257 -27.81 12.03 21.37
CA VAL B 257 -27.56 11.47 20.04
C VAL B 257 -28.77 10.71 19.54
N ASP B 258 -28.71 10.27 18.29
CA ASP B 258 -29.78 9.49 17.69
C ASP B 258 -29.54 8.01 17.85
N THR B 259 -28.26 7.64 17.81
CA THR B 259 -27.83 6.24 17.90
C THR B 259 -26.58 6.16 18.79
N LEU B 260 -26.51 5.13 19.61
CA LEU B 260 -25.35 4.91 20.48
C LEU B 260 -24.83 3.48 20.26
N ILE B 261 -23.53 3.38 19.97
CA ILE B 261 -22.88 2.10 19.70
C ILE B 261 -21.91 1.73 20.81
N TRP B 262 -22.17 0.59 21.46
CA TRP B 262 -21.25 0.01 22.43
C TRP B 262 -20.20 -0.82 21.68
N ALA B 263 -18.94 -0.38 21.77
CA ALA B 263 -17.78 -1.09 21.18
C ALA B 263 -16.72 -1.20 22.28
N ILE B 264 -17.14 -1.76 23.41
CA ILE B 264 -16.34 -1.79 24.65
C ILE B 264 -15.54 -3.05 24.84
N GLY B 265 -15.73 -4.02 23.96
CA GLY B 265 -14.98 -5.29 24.02
C GLY B 265 -15.79 -6.44 23.51
N ARG B 266 -15.12 -7.57 23.28
CA ARG B 266 -15.78 -8.80 22.86
C ARG B 266 -15.32 -9.90 23.79
N ALA B 267 -16.20 -10.86 24.00
CA ALA B 267 -15.95 -12.01 24.86
C ALA B 267 -16.26 -13.30 24.10
N ALA B 268 -15.66 -14.39 24.57
CA ALA B 268 -15.84 -15.70 23.92
C ALA B 268 -17.27 -16.22 24.00
N ASN B 269 -17.69 -16.92 22.95
CA ASN B 269 -18.97 -17.62 22.94
C ASN B 269 -18.77 -18.99 23.61
N THR B 270 -19.02 -19.06 24.91
CA THR B 270 -18.87 -20.29 25.66
C THR B 270 -20.18 -20.75 26.33
N LYS B 271 -21.21 -19.89 26.33
CA LYS B 271 -22.45 -20.17 27.02
C LYS B 271 -23.60 -20.52 26.09
N GLY B 272 -24.55 -21.28 26.63
CA GLY B 272 -25.76 -21.62 25.89
C GLY B 272 -25.74 -22.87 25.05
N PHE B 273 -24.62 -23.57 25.00
CA PHE B 273 -24.54 -24.81 24.21
C PHE B 273 -24.00 -25.99 25.00
N ASN B 274 -24.21 -25.91 26.32
CA ASN B 274 -23.89 -26.99 27.24
C ASN B 274 -22.44 -27.40 27.26
N LEU B 275 -21.55 -26.44 27.04
CA LEU B 275 -20.12 -26.70 27.09
C LEU B 275 -19.70 -27.28 28.44
N GLU B 276 -20.45 -26.98 29.50
CA GLU B 276 -20.08 -27.45 30.83
C GLU B 276 -19.95 -28.98 30.92
N VAL B 277 -20.75 -29.72 30.14
CA VAL B 277 -20.69 -31.19 30.23
C VAL B 277 -19.42 -31.80 29.63
N THR B 278 -18.65 -31.00 28.88
CA THR B 278 -17.43 -31.47 28.21
C THR B 278 -16.20 -31.50 29.10
N GLY B 279 -16.24 -30.75 30.20
CA GLY B 279 -15.09 -30.63 31.08
C GLY B 279 -14.03 -29.65 30.57
N VAL B 280 -14.31 -28.97 29.46
CA VAL B 280 -13.36 -28.00 28.89
C VAL B 280 -13.14 -26.82 29.84
N THR B 281 -11.87 -26.53 30.08
CA THR B 281 -11.46 -25.48 31.00
C THR B 281 -11.43 -24.12 30.31
N LEU B 282 -11.91 -23.09 31.01
CA LEU B 282 -11.77 -21.70 30.51
C LEU B 282 -10.62 -21.02 31.25
N ASP B 283 -9.98 -20.04 30.59
CA ASP B 283 -8.93 -19.26 31.26
C ASP B 283 -9.59 -18.13 32.06
N SER B 284 -8.78 -17.35 32.77
CA SER B 284 -9.32 -16.27 33.64
C SER B 284 -10.06 -15.16 32.90
N ARG B 285 -9.89 -15.07 31.59
CA ARG B 285 -10.58 -14.06 30.79
C ARG B 285 -11.83 -14.63 30.13
N GLY B 286 -12.14 -15.90 30.42
CA GLY B 286 -13.33 -16.55 29.89
C GLY B 286 -13.16 -17.23 28.54
N PHE B 287 -11.96 -17.20 27.96
CA PHE B 287 -11.70 -17.88 26.69
C PHE B 287 -11.44 -19.37 26.96
N ILE B 288 -11.64 -20.22 25.95
CA ILE B 288 -11.31 -21.63 26.10
C ILE B 288 -9.78 -21.75 26.12
N ALA B 289 -9.24 -22.32 27.20
CA ALA B 289 -7.80 -22.48 27.30
C ALA B 289 -7.34 -23.56 26.32
N THR B 290 -6.20 -23.32 25.69
CA THR B 290 -5.64 -24.30 24.74
C THR B 290 -4.13 -24.29 24.77
N ASP B 291 -3.53 -25.37 24.29
CA ASP B 291 -2.09 -25.43 24.16
C ASP B 291 -1.69 -24.89 22.76
N ALA B 292 -0.41 -25.01 22.41
CA ALA B 292 0.06 -24.49 21.12
C ALA B 292 -0.58 -25.16 19.88
N PHE B 293 -1.19 -26.34 20.08
CA PHE B 293 -1.82 -27.13 19.02
C PHE B 293 -3.36 -27.07 19.05
N GLU B 294 -3.89 -26.08 19.79
CA GLU B 294 -5.33 -25.85 19.92
C GLU B 294 -6.08 -26.95 20.68
N ASN B 295 -5.33 -27.80 21.40
CA ASN B 295 -5.96 -28.80 22.24
C ASN B 295 -6.53 -28.16 23.51
N THR B 296 -7.76 -28.49 23.84
CA THR B 296 -8.30 -28.12 25.14
C THR B 296 -7.71 -29.15 26.11
N ASN B 297 -8.12 -29.08 27.36
CA ASN B 297 -7.69 -30.07 28.35
C ASN B 297 -8.36 -31.43 28.16
N VAL B 298 -9.32 -31.55 27.23
CA VAL B 298 -10.05 -32.80 27.04
C VAL B 298 -9.65 -33.40 25.69
N GLU B 299 -9.13 -34.63 25.71
CA GLU B 299 -8.71 -35.28 24.47
C GLU B 299 -9.88 -35.36 23.50
N GLY B 300 -9.62 -35.01 22.25
CA GLY B 300 -10.65 -35.04 21.20
C GLY B 300 -11.41 -33.75 21.04
N LEU B 301 -11.13 -32.75 21.89
CA LEU B 301 -11.78 -31.43 21.79
C LEU B 301 -10.71 -30.37 21.55
N TYR B 302 -10.95 -29.52 20.55
CA TYR B 302 -10.04 -28.45 20.17
C TYR B 302 -10.77 -27.12 20.16
N ALA B 303 -10.03 -26.00 20.18
CA ALA B 303 -10.68 -24.70 20.08
C ALA B 303 -9.76 -23.70 19.40
N LEU B 304 -10.28 -22.95 18.45
CA LEU B 304 -9.48 -21.96 17.76
C LEU B 304 -10.33 -20.84 17.25
N GLY B 305 -9.66 -19.79 16.78
CA GLY B 305 -10.36 -18.58 16.38
C GLY B 305 -10.58 -17.73 17.60
N ASP B 306 -11.53 -16.82 17.52
CA ASP B 306 -11.76 -15.87 18.62
C ASP B 306 -12.03 -16.51 19.97
N VAL B 307 -12.66 -17.69 19.98
CA VAL B 307 -13.02 -18.36 21.24
C VAL B 307 -11.83 -18.73 22.11
N ASN B 308 -10.62 -18.84 21.53
CA ASN B 308 -9.44 -19.22 22.33
C ASN B 308 -8.66 -17.99 22.84
N GLY B 309 -9.11 -16.80 22.46
CA GLY B 309 -8.54 -15.55 23.00
C GLY B 309 -7.15 -15.14 22.56
N LYS B 310 -6.51 -15.90 21.69
CA LYS B 310 -5.10 -15.61 21.37
C LYS B 310 -4.90 -14.36 20.55
N LEU B 311 -5.57 -14.28 19.41
CA LEU B 311 -5.53 -13.11 18.52
C LEU B 311 -6.83 -13.09 17.74
N GLU B 312 -7.55 -11.96 17.86
N GLU B 312 -7.61 -12.03 17.88
CA GLU B 312 -8.88 -11.75 17.27
CA GLU B 312 -8.94 -11.99 17.26
C GLU B 312 -8.78 -11.28 15.82
C GLU B 312 -8.92 -11.39 15.85
N LEU B 313 -8.39 -12.18 14.91
CA LEU B 313 -8.22 -11.82 13.52
C LEU B 313 -8.65 -12.98 12.65
N THR B 314 -9.24 -12.65 11.50
CA THR B 314 -9.67 -13.70 10.56
C THR B 314 -8.55 -14.63 10.01
N PRO B 315 -7.46 -14.05 9.50
CA PRO B 315 -6.42 -14.93 8.96
C PRO B 315 -5.79 -15.84 9.98
N VAL B 316 -5.84 -15.44 11.25
CA VAL B 316 -5.34 -16.27 12.34
C VAL B 316 -6.26 -17.47 12.51
N ALA B 317 -7.57 -17.22 12.56
CA ALA B 317 -8.54 -18.30 12.68
C ALA B 317 -8.40 -19.26 11.49
N VAL B 318 -8.19 -18.71 10.30
CA VAL B 318 -8.09 -19.53 9.09
C VAL B 318 -6.86 -20.43 9.12
N LYS B 319 -5.72 -19.83 9.40
CA LYS B 319 -4.48 -20.60 9.39
C LYS B 319 -4.46 -21.63 10.53
N ALA B 320 -4.95 -21.27 11.70
CA ALA B 320 -4.98 -22.21 12.81
C ALA B 320 -5.91 -23.40 12.50
N GLY B 321 -7.03 -23.11 11.82
CA GLY B 321 -7.99 -24.16 11.45
C GLY B 321 -7.38 -25.10 10.41
N ARG B 322 -6.65 -24.54 9.46
CA ARG B 322 -5.96 -25.37 8.45
C ARG B 322 -4.85 -26.22 9.08
N GLN B 323 -4.02 -25.59 9.93
CA GLN B 323 -2.94 -26.32 10.58
C GLN B 323 -3.46 -27.46 11.46
N LEU B 324 -4.58 -27.22 12.15
CA LEU B 324 -5.17 -28.27 12.98
C LEU B 324 -5.58 -29.48 12.13
N SER B 325 -6.22 -29.22 10.99
CA SER B 325 -6.61 -30.30 10.09
C SER B 325 -5.40 -30.99 9.47
N GLU B 326 -4.33 -30.26 9.20
CA GLU B 326 -3.10 -30.89 8.75
C GLU B 326 -2.58 -31.87 9.80
N ARG B 327 -2.62 -31.44 11.05
CA ARG B 327 -2.16 -32.28 12.17
C ARG B 327 -3.04 -33.48 12.39
N LEU B 328 -4.35 -33.26 12.45
CA LEU B 328 -5.27 -34.38 12.75
C LEU B 328 -5.48 -35.37 11.61
N PHE B 329 -5.45 -34.87 10.37
CA PHE B 329 -5.79 -35.69 9.21
C PHE B 329 -4.73 -35.82 8.12
N ASN B 330 -3.59 -35.14 8.24
CA ASN B 330 -2.54 -35.28 7.21
C ASN B 330 -1.18 -35.68 7.82
N HIS B 331 -1.23 -36.34 8.98
CA HIS B 331 -0.03 -36.89 9.62
C HIS B 331 1.13 -35.89 9.82
N LYS B 332 0.81 -34.69 10.31
CA LYS B 332 1.79 -33.66 10.61
C LYS B 332 1.70 -33.28 12.07
N PRO B 333 2.29 -34.12 12.94
CA PRO B 333 2.17 -33.86 14.39
C PRO B 333 2.71 -32.51 14.87
N GLN B 334 3.60 -31.88 14.11
CA GLN B 334 4.13 -30.57 14.52
C GLN B 334 3.42 -29.38 13.89
N ALA B 335 2.41 -29.63 13.06
CA ALA B 335 1.70 -28.54 12.44
C ALA B 335 0.93 -27.71 13.46
N LYS B 336 1.10 -26.40 13.39
CA LYS B 336 0.43 -25.48 14.30
C LYS B 336 0.51 -24.06 13.79
N MET B 337 -0.27 -23.19 14.42
CA MET B 337 -0.27 -21.79 14.11
C MET B 337 0.91 -21.05 14.72
N ASP B 338 1.46 -20.10 13.98
CA ASP B 338 2.52 -19.24 14.47
C ASP B 338 1.85 -17.89 14.80
N TYR B 339 1.65 -17.63 16.09
CA TYR B 339 1.01 -16.39 16.55
C TYR B 339 1.95 -15.18 16.75
N LYS B 340 3.22 -15.32 16.38
N LYS B 340 3.22 -15.32 16.38
CA LYS B 340 4.21 -14.26 16.57
CA LYS B 340 4.22 -14.27 16.58
C LYS B 340 4.32 -13.36 15.35
C LYS B 340 4.37 -13.37 15.36
N ASP B 341 4.42 -12.06 15.59
CA ASP B 341 4.59 -11.06 14.54
C ASP B 341 3.51 -11.08 13.46
N VAL B 342 2.28 -11.33 13.88
CA VAL B 342 1.15 -11.24 12.98
C VAL B 342 0.84 -9.76 12.76
N ALA B 343 0.84 -9.35 11.52
CA ALA B 343 0.54 -7.96 11.15
C ALA B 343 -0.95 -7.65 11.21
N THR B 344 -1.26 -6.38 11.46
CA THR B 344 -2.62 -5.90 11.51
C THR B 344 -2.73 -4.51 10.91
N VAL B 345 -3.89 -4.23 10.37
CA VAL B 345 -4.24 -2.91 9.85
C VAL B 345 -5.53 -2.50 10.52
N ILE B 346 -5.54 -1.27 11.03
CA ILE B 346 -6.72 -0.69 11.62
C ILE B 346 -7.21 0.38 10.67
N PHE B 347 -8.46 0.23 10.21
CA PHE B 347 -9.03 1.14 9.24
C PHE B 347 -9.60 2.40 9.89
N SER B 348 -8.73 3.03 10.65
CA SER B 348 -9.00 4.30 11.28
C SER B 348 -8.74 5.39 10.23
N HIS B 349 -8.94 6.65 10.63
N HIS B 349 -8.93 6.65 10.62
CA HIS B 349 -8.70 7.81 9.77
CA HIS B 349 -8.67 7.79 9.74
C HIS B 349 -7.62 8.72 10.37
C HIS B 349 -7.62 8.70 10.35
N PRO B 350 -6.37 8.65 9.85
CA PRO B 350 -5.85 7.79 8.80
C PRO B 350 -5.57 6.37 9.33
N VAL B 351 -5.25 5.48 8.41
N VAL B 351 -5.30 5.45 8.43
CA VAL B 351 -4.99 4.05 8.70
CA VAL B 351 -5.12 4.04 8.83
C VAL B 351 -3.74 3.80 9.54
C VAL B 351 -3.79 3.81 9.55
N ILE B 352 -3.82 2.81 10.42
CA ILE B 352 -2.68 2.36 11.20
C ILE B 352 -2.31 0.95 10.77
N GLY B 353 -1.02 0.72 10.55
CA GLY B 353 -0.47 -0.61 10.21
C GLY B 353 0.58 -0.96 11.25
N SER B 354 0.62 -2.22 11.69
CA SER B 354 1.53 -2.57 12.76
C SER B 354 1.96 -4.01 12.72
N ILE B 355 3.22 -4.24 13.09
CA ILE B 355 3.77 -5.60 13.24
C ILE B 355 4.63 -5.55 14.49
N GLY B 356 4.45 -6.52 15.37
CA GLY B 356 5.34 -6.67 16.51
C GLY B 356 5.19 -5.65 17.62
N LEU B 357 6.31 -5.35 18.27
CA LEU B 357 6.30 -4.57 19.49
C LEU B 357 6.31 -3.06 19.32
N SER B 358 5.52 -2.39 20.15
CA SER B 358 5.61 -0.95 20.27
C SER B 358 6.98 -0.64 20.87
N GLU B 359 7.39 0.62 20.77
CA GLU B 359 8.63 1.05 21.39
C GLU B 359 8.59 0.76 22.90
N GLU B 360 7.45 1.06 23.53
CA GLU B 360 7.26 0.86 24.98
C GLU B 360 7.44 -0.61 25.39
N ALA B 361 6.83 -1.50 24.62
CA ALA B 361 6.90 -2.94 24.93
C ALA B 361 8.31 -3.46 24.71
N ALA B 362 8.98 -2.98 23.65
CA ALA B 362 10.35 -3.44 23.37
C ALA B 362 11.30 -3.00 24.48
N LEU B 363 11.13 -1.77 24.95
CA LEU B 363 11.95 -1.25 26.06
C LEU B 363 11.72 -2.11 27.31
N ASP B 364 10.47 -2.39 27.63
N ASP B 364 10.48 -2.55 27.51
CA ASP B 364 10.15 -3.16 28.82
CA ASP B 364 10.14 -3.41 28.63
C ASP B 364 10.82 -4.52 28.79
C ASP B 364 10.65 -4.86 28.45
N GLN B 365 10.70 -5.17 27.62
N GLN B 365 10.69 -5.39 27.24
CA GLN B 365 11.20 -6.54 27.41
CA GLN B 365 11.13 -6.77 27.11
C GLN B 365 12.71 -6.63 27.30
C GLN B 365 12.63 -6.91 26.92
N TYR B 366 13.28 -5.90 26.36
CA TYR B 366 14.73 -5.96 26.05
C TYR B 366 15.65 -5.04 26.84
N GLY B 367 15.06 -4.03 27.47
CA GLY B 367 15.84 -3.05 28.24
C GLY B 367 16.28 -1.88 27.36
N GLU B 368 16.30 -0.69 27.95
CA GLU B 368 16.62 0.55 27.24
C GLU B 368 17.98 0.57 26.52
N GLU B 369 18.96 -0.09 27.13
N GLU B 369 19.00 -0.06 27.12
CA GLU B 369 20.32 -0.16 26.59
CA GLU B 369 20.32 -0.10 26.50
C GLU B 369 20.42 -0.99 25.29
C GLU B 369 20.40 -0.94 25.23
N ASN B 370 19.35 -1.71 24.96
CA ASN B 370 19.37 -2.67 23.85
C ASN B 370 18.36 -2.44 22.75
N VAL B 371 17.71 -1.28 22.77
CA VAL B 371 16.71 -0.92 21.77
C VAL B 371 17.16 0.33 21.03
N THR B 372 16.99 0.32 19.71
CA THR B 372 17.26 1.49 18.87
C THR B 372 16.02 1.72 18.00
N VAL B 373 15.51 2.95 17.96
CA VAL B 373 14.33 3.26 17.15
C VAL B 373 14.69 4.20 15.99
N TYR B 374 14.05 4.01 14.85
CA TYR B 374 14.19 4.84 13.69
C TYR B 374 12.81 5.34 13.34
N ARG B 375 12.75 6.51 12.71
CA ARG B 375 11.48 7.12 12.36
C ARG B 375 11.50 7.92 11.09
N SER B 376 10.33 8.10 10.51
N SER B 376 10.33 8.08 10.49
CA SER B 376 10.15 9.01 9.41
CA SER B 376 10.08 8.92 9.32
C SER B 376 8.83 9.70 9.70
C SER B 376 8.79 9.68 9.59
N THR B 377 8.82 11.02 9.55
CA THR B 377 7.62 11.81 9.79
C THR B 377 7.52 12.78 8.62
N PHE B 378 6.38 12.77 7.94
CA PHE B 378 6.20 13.57 6.73
C PHE B 378 4.71 13.82 6.51
N THR B 379 4.39 14.47 5.39
CA THR B 379 3.03 14.74 5.00
C THR B 379 2.81 13.91 3.76
N SER B 380 1.74 13.13 3.72
CA SER B 380 1.46 12.32 2.53
C SER B 380 1.29 13.23 1.30
N MET B 381 1.95 12.88 0.19
CA MET B 381 1.90 13.71 -1.01
C MET B 381 0.45 13.97 -1.47
N TYR B 382 -0.39 12.95 -1.37
CA TYR B 382 -1.80 13.10 -1.77
C TYR B 382 -2.47 14.28 -1.07
N THR B 383 -2.24 14.38 0.24
CA THR B 383 -2.86 15.46 1.04
C THR B 383 -2.02 16.74 1.10
N ALA B 384 -0.75 16.62 0.80
CA ALA B 384 0.21 17.75 0.93
C ALA B 384 -0.14 18.97 0.08
N VAL B 385 -0.75 18.73 -1.07
CA VAL B 385 -1.11 19.80 -1.98
C VAL B 385 -2.50 20.39 -1.72
N THR B 386 -3.17 19.94 -0.66
CA THR B 386 -4.55 20.35 -0.36
C THR B 386 -4.62 21.21 0.88
N SER B 387 -5.83 21.65 1.22
CA SER B 387 -6.10 22.42 2.46
C SER B 387 -6.42 21.48 3.66
N HIS B 388 -6.29 20.16 3.44
CA HIS B 388 -6.44 19.16 4.50
C HIS B 388 -5.19 18.30 4.54
N ARG B 389 -4.07 18.93 4.86
CA ARG B 389 -2.80 18.22 4.95
C ARG B 389 -2.84 17.20 6.07
N GLN B 390 -2.31 16.02 5.80
CA GLN B 390 -2.32 14.94 6.79
C GLN B 390 -0.94 14.35 7.00
N ALA B 391 -0.56 14.18 8.27
CA ALA B 391 0.71 13.59 8.60
C ALA B 391 0.78 12.10 8.32
N CYS B 392 1.98 11.65 8.02
N CYS B 392 2.01 11.59 8.39
CA CYS B 392 2.29 10.24 7.93
CA CYS B 392 2.32 10.17 8.34
C CYS B 392 3.48 10.09 8.86
C CYS B 392 3.49 9.91 9.29
N LYS B 393 3.41 9.06 9.69
N LYS B 393 3.37 8.96 10.22
CA LYS B 393 4.50 8.70 10.61
CA LYS B 393 4.52 8.63 11.03
C LYS B 393 4.77 7.20 10.53
C LYS B 393 4.79 7.17 10.86
N MET B 394 6.05 6.84 10.57
CA MET B 394 6.50 5.46 10.47
C MET B 394 7.64 5.28 11.45
N LYS B 395 7.77 4.07 11.96
CA LYS B 395 8.72 3.78 12.99
C LYS B 395 9.20 2.33 12.90
N LEU B 396 10.50 2.13 13.12
CA LEU B 396 11.10 0.81 13.23
C LEU B 396 11.67 0.69 14.62
N VAL B 397 11.34 -0.40 15.29
CA VAL B 397 11.82 -0.67 16.63
C VAL B 397 12.77 -1.85 16.49
N THR B 398 14.04 -1.65 16.84
CA THR B 398 15.06 -2.65 16.63
C THR B 398 15.79 -2.99 17.94
N VAL B 399 16.37 -4.18 18.00
N VAL B 399 16.35 -4.19 17.99
CA VAL B 399 17.09 -4.61 19.20
CA VAL B 399 17.03 -4.73 19.19
C VAL B 399 18.46 -5.21 18.90
C VAL B 399 18.44 -5.27 18.92
N GLY B 400 19.35 -5.07 19.88
CA GLY B 400 20.70 -5.64 19.78
C GLY B 400 21.62 -4.93 18.81
N GLU B 401 22.88 -5.39 18.78
N GLU B 401 22.88 -5.39 18.79
CA GLU B 401 23.90 -4.79 17.93
CA GLU B 401 23.91 -4.81 17.93
C GLU B 401 23.56 -4.90 16.45
C GLU B 401 23.52 -4.88 16.45
N ASP B 402 22.87 -5.98 16.05
CA ASP B 402 22.47 -6.16 14.66
C ASP B 402 21.16 -5.47 14.29
N GLU B 403 20.51 -4.83 15.27
CA GLU B 403 19.29 -4.10 15.02
C GLU B 403 18.23 -4.95 14.32
N LYS B 404 17.95 -6.09 14.93
CA LYS B 404 16.87 -6.94 14.46
C LYS B 404 15.55 -6.17 14.60
N ILE B 405 14.70 -6.20 13.58
CA ILE B 405 13.44 -5.44 13.64
C ILE B 405 12.40 -6.25 14.41
N VAL B 406 12.00 -5.74 15.57
CA VAL B 406 11.01 -6.40 16.43
C VAL B 406 9.66 -5.66 16.42
N GLY B 407 9.64 -4.48 15.80
CA GLY B 407 8.43 -3.71 15.65
C GLY B 407 8.46 -2.81 14.43
N LEU B 408 7.33 -2.73 13.71
CA LEU B 408 7.21 -1.85 12.54
C LEU B 408 5.81 -1.26 12.60
N HIS B 409 5.72 0.07 12.52
CA HIS B 409 4.44 0.72 12.68
C HIS B 409 4.31 1.89 11.76
N GLY B 410 3.12 2.12 11.23
CA GLY B 410 2.90 3.31 10.39
C GLY B 410 1.48 3.80 10.53
N ILE B 411 1.30 5.09 10.31
CA ILE B 411 -0.02 5.71 10.30
C ILE B 411 -0.01 6.73 9.16
N GLY B 412 -1.03 6.69 8.30
CA GLY B 412 -1.12 7.63 7.20
C GLY B 412 -1.77 7.05 5.96
N TYR B 413 -1.86 7.91 4.95
CA TYR B 413 -2.49 7.56 3.70
C TYR B 413 -1.77 6.42 2.98
N GLY B 414 -2.54 5.39 2.65
CA GLY B 414 -2.04 4.24 1.91
C GLY B 414 -1.37 3.18 2.73
N VAL B 415 -1.26 3.38 4.05
CA VAL B 415 -0.51 2.46 4.90
C VAL B 415 -1.14 1.05 4.93
N ASP B 416 -2.45 0.97 4.72
CA ASP B 416 -3.18 -0.30 4.73
C ASP B 416 -2.60 -1.33 3.77
N GLU B 417 -2.09 -0.88 2.63
CA GLU B 417 -1.52 -1.82 1.64
C GLU B 417 0.00 -2.01 1.74
N MET B 418 0.65 -1.27 2.64
CA MET B 418 2.10 -1.34 2.76
C MET B 418 2.66 -2.47 3.62
N ILE B 419 1.89 -2.90 4.61
CA ILE B 419 2.43 -3.73 5.67
C ILE B 419 2.72 -5.20 5.32
N GLN B 420 1.88 -5.82 4.50
CA GLN B 420 1.98 -7.24 4.21
C GLN B 420 3.39 -7.70 3.80
N GLY B 421 4.02 -6.99 2.87
CA GLY B 421 5.35 -7.37 2.40
C GLY B 421 6.39 -7.27 3.50
N PHE B 422 6.31 -6.24 4.31
CA PHE B 422 7.23 -6.10 5.43
C PHE B 422 7.02 -7.22 6.45
N ALA B 423 5.80 -7.75 6.54
CA ALA B 423 5.53 -8.87 7.45
C ALA B 423 6.30 -10.12 7.02
N VAL B 424 6.46 -10.30 5.71
CA VAL B 424 7.25 -11.42 5.22
C VAL B 424 8.71 -11.25 5.67
N ALA B 425 9.25 -10.06 5.46
CA ALA B 425 10.64 -9.75 5.83
C ALA B 425 10.89 -9.93 7.33
N ILE B 426 9.96 -9.47 8.15
CA ILE B 426 10.09 -9.63 9.61
C ILE B 426 10.01 -11.12 10.00
N LYS B 427 9.14 -11.88 9.37
CA LYS B 427 9.04 -13.31 9.66
C LYS B 427 10.36 -14.01 9.30
N MET B 428 11.05 -13.50 8.27
CA MET B 428 12.40 -13.98 7.88
C MET B 428 13.52 -13.48 8.79
N GLY B 429 13.21 -12.64 9.77
CA GLY B 429 14.24 -12.15 10.72
C GLY B 429 14.97 -10.89 10.25
N ALA B 430 14.30 -10.03 9.49
CA ALA B 430 14.95 -8.82 8.95
C ALA B 430 15.58 -7.94 10.01
N THR B 431 16.73 -7.37 9.65
CA THR B 431 17.42 -6.38 10.45
C THR B 431 17.33 -5.04 9.74
N LYS B 432 17.77 -3.99 10.43
CA LYS B 432 17.85 -2.67 9.82
C LYS B 432 18.73 -2.71 8.54
N ALA B 433 19.80 -3.51 8.55
CA ALA B 433 20.67 -3.66 7.37
C ALA B 433 19.92 -4.20 6.16
N ASP B 434 19.03 -5.16 6.37
CA ASP B 434 18.22 -5.72 5.29
C ASP B 434 17.32 -4.65 4.66
N PHE B 435 16.77 -3.77 5.49
CA PHE B 435 15.99 -2.65 4.99
C PHE B 435 16.88 -1.69 4.22
N ASP B 436 18.05 -1.38 4.78
CA ASP B 436 19.00 -0.44 4.13
C ASP B 436 19.47 -0.97 2.77
N ASN B 437 19.58 -2.28 2.66
CA ASN B 437 20.00 -2.93 1.41
C ASN B 437 18.92 -2.90 0.33
N THR B 438 17.69 -2.54 0.69
CA THR B 438 16.58 -2.57 -0.26
C THR B 438 16.38 -1.19 -0.89
N VAL B 439 16.38 -1.15 -2.20
CA VAL B 439 16.21 0.11 -2.92
C VAL B 439 14.77 0.63 -2.84
N ALA B 440 14.64 1.93 -2.54
CA ALA B 440 13.32 2.54 -2.47
C ALA B 440 12.57 2.55 -3.81
N ILE B 441 11.24 2.62 -3.71
CA ILE B 441 10.35 2.81 -4.85
C ILE B 441 9.79 4.25 -4.67
N HIS B 442 10.02 5.09 -5.67
CA HIS B 442 9.67 6.51 -5.58
C HIS B 442 8.78 6.89 -6.75
N PRO B 443 7.75 7.73 -6.54
CA PRO B 443 7.37 8.31 -5.25
C PRO B 443 6.24 7.49 -4.62
N THR B 444 6.49 6.98 -3.42
CA THR B 444 5.46 6.26 -2.67
C THR B 444 5.60 6.64 -1.21
N GLY B 445 4.58 6.30 -0.42
CA GLY B 445 4.67 6.45 1.02
C GLY B 445 5.52 5.32 1.58
N SER B 446 5.41 4.13 0.96
CA SER B 446 6.09 2.93 1.44
C SER B 446 7.63 3.04 1.49
N GLU B 447 8.20 3.87 0.61
CA GLU B 447 9.67 4.01 0.61
C GLU B 447 10.23 4.54 1.91
N GLU B 448 9.40 5.31 2.64
CA GLU B 448 9.84 5.90 3.90
C GLU B 448 10.19 4.84 4.95
N PHE B 449 9.67 3.61 4.81
CA PHE B 449 10.09 2.53 5.70
C PHE B 449 11.53 2.07 5.47
N VAL B 450 12.06 2.23 4.25
CA VAL B 450 13.44 1.77 3.95
C VAL B 450 14.51 2.87 3.82
N THR B 451 14.13 4.13 4.09
CA THR B 451 15.09 5.24 4.02
C THR B 451 15.31 5.97 5.35
N MET B 452 14.99 5.34 6.48
CA MET B 452 15.23 5.95 7.80
C MET B 452 16.71 5.85 8.17
N ARG B 453 17.20 6.88 8.86
CA ARG B 453 18.63 6.92 9.27
C ARG B 453 18.80 7.31 10.73
#